data_6GW8
#
_entry.id   6GW8
#
loop_
_entity.id
_entity.type
_entity.pdbx_description
1 polymer metallothionein
2 non-polymer 'ZINC ION'
#
_entity_poly.entity_id   1
_entity_poly.type   'polypeptide(L)'
_entity_poly.pdbx_seq_one_letter_code
;NELRCGCPDCHCKVDPERVFNHDGEAYCSQACAEQHPNGEPCPAPDCHCERS
;
_entity_poly.pdbx_strand_id   A
#
# COMPACT_ATOMS: atom_id res chain seq x y z
N ASN A 1 15.24 6.68 3.71
CA ASN A 1 15.32 7.92 2.91
C ASN A 1 14.44 7.82 1.65
N GLU A 2 13.65 6.78 1.60
CA GLU A 2 12.74 6.56 0.50
C GLU A 2 11.40 6.09 1.02
N LEU A 3 10.34 6.74 0.60
CA LEU A 3 9.02 6.36 1.03
C LEU A 3 8.32 5.55 -0.04
N ARG A 4 8.17 4.28 0.21
CA ARG A 4 7.51 3.38 -0.72
C ARG A 4 6.40 2.63 -0.02
N CYS A 5 5.60 1.94 -0.80
CA CYS A 5 4.49 1.18 -0.28
C CYS A 5 4.97 -0.02 0.51
N GLY A 6 4.20 -0.40 1.50
CA GLY A 6 4.54 -1.52 2.34
C GLY A 6 4.35 -2.84 1.64
N CYS A 7 3.39 -2.87 0.73
CA CYS A 7 3.10 -4.07 -0.03
C CYS A 7 4.34 -4.46 -0.85
N PRO A 8 5.01 -5.57 -0.48
CA PRO A 8 6.24 -6.00 -1.15
C PRO A 8 5.97 -6.53 -2.56
N ASP A 9 4.72 -6.57 -2.92
CA ASP A 9 4.34 -7.06 -4.22
C ASP A 9 3.93 -5.93 -5.14
N CYS A 10 3.63 -4.78 -4.56
CA CYS A 10 3.11 -3.68 -5.33
C CYS A 10 3.89 -2.40 -5.08
N HIS A 11 4.31 -1.75 -6.16
CA HIS A 11 5.00 -0.47 -6.04
C HIS A 11 4.01 0.64 -6.30
N CYS A 12 3.48 1.18 -5.24
CA CYS A 12 2.47 2.21 -5.34
C CYS A 12 3.02 3.56 -4.95
N LYS A 13 2.36 4.60 -5.40
CA LYS A 13 2.74 5.95 -5.06
C LYS A 13 2.22 6.31 -3.67
N VAL A 14 3.14 6.53 -2.76
CA VAL A 14 2.79 6.86 -1.40
C VAL A 14 2.81 8.36 -1.16
N ASP A 15 1.77 8.87 -0.55
CA ASP A 15 1.69 10.28 -0.23
C ASP A 15 2.34 10.53 1.12
N PRO A 16 3.38 11.35 1.17
CA PRO A 16 4.10 11.64 2.42
C PRO A 16 3.22 12.28 3.50
N GLU A 17 2.12 12.89 3.09
CA GLU A 17 1.24 13.57 4.01
C GLU A 17 -0.03 12.75 4.28
N ARG A 18 -0.32 11.81 3.40
CA ARG A 18 -1.53 11.00 3.52
C ARG A 18 -1.20 9.52 3.55
N VAL A 19 -0.03 9.23 4.03
CA VAL A 19 0.47 7.87 4.11
C VAL A 19 -0.19 7.07 5.23
N PHE A 20 -0.63 5.86 4.90
CA PHE A 20 -1.23 4.98 5.88
C PHE A 20 -0.14 4.20 6.59
N ASN A 21 0.05 4.48 7.86
CA ASN A 21 1.04 3.78 8.63
C ASN A 21 0.42 2.53 9.23
N HIS A 22 1.18 1.45 9.22
CA HIS A 22 0.71 0.19 9.76
C HIS A 22 1.89 -0.71 10.09
N ASP A 23 1.97 -1.14 11.35
CA ASP A 23 3.06 -2.02 11.84
C ASP A 23 4.42 -1.30 11.74
N GLY A 24 4.36 0.01 11.66
CA GLY A 24 5.57 0.80 11.55
C GLY A 24 6.01 0.98 10.11
N GLU A 25 5.23 0.42 9.20
CA GLU A 25 5.54 0.50 7.78
C GLU A 25 4.63 1.54 7.11
N ALA A 26 5.06 2.03 5.97
CA ALA A 26 4.33 3.05 5.25
C ALA A 26 3.56 2.43 4.09
N TYR A 27 2.35 2.92 3.85
CA TYR A 27 1.53 2.37 2.78
C TYR A 27 0.89 3.47 1.97
N CYS A 28 0.64 3.19 0.71
CA CYS A 28 0.00 4.12 -0.20
C CYS A 28 -1.47 4.32 0.17
N SER A 29 -2.11 3.22 0.47
CA SER A 29 -3.51 3.20 0.76
C SER A 29 -3.80 2.23 1.87
N GLN A 30 -4.98 2.33 2.42
CA GLN A 30 -5.45 1.43 3.44
C GLN A 30 -5.47 0.01 2.90
N ALA A 31 -5.76 -0.13 1.61
CA ALA A 31 -5.81 -1.42 0.94
C ALA A 31 -4.56 -2.27 1.21
N CYS A 32 -3.39 -1.77 0.82
CA CYS A 32 -2.14 -2.50 1.04
C CYS A 32 -1.80 -2.57 2.53
N ALA A 33 -2.23 -1.56 3.27
CA ALA A 33 -1.92 -1.46 4.71
C ALA A 33 -2.64 -2.53 5.50
N GLU A 34 -3.89 -2.76 5.16
CA GLU A 34 -4.73 -3.73 5.85
C GLU A 34 -4.59 -5.11 5.21
N GLN A 35 -3.62 -5.25 4.32
CA GLN A 35 -3.34 -6.52 3.63
C GLN A 35 -4.51 -6.94 2.76
N HIS A 36 -5.31 -5.95 2.33
CA HIS A 36 -6.47 -6.17 1.46
C HIS A 36 -7.45 -7.14 2.10
N PRO A 37 -8.33 -6.62 2.96
CA PRO A 37 -9.29 -7.44 3.71
C PRO A 37 -10.37 -8.09 2.84
N ASN A 38 -11.16 -7.28 2.14
CA ASN A 38 -12.30 -7.80 1.39
C ASN A 38 -12.18 -7.53 -0.13
N GLY A 39 -10.97 -7.39 -0.62
CA GLY A 39 -10.79 -7.17 -2.03
C GLY A 39 -10.63 -5.71 -2.38
N GLU A 40 -10.05 -4.95 -1.47
CA GLU A 40 -9.84 -3.53 -1.68
C GLU A 40 -8.54 -3.31 -2.47
N PRO A 41 -8.64 -2.76 -3.69
CA PRO A 41 -7.49 -2.47 -4.51
C PRO A 41 -6.81 -1.16 -4.11
N CYS A 42 -5.56 -1.01 -4.47
CA CYS A 42 -4.81 0.17 -4.13
C CYS A 42 -4.67 1.06 -5.38
N PRO A 43 -4.44 2.37 -5.18
CA PRO A 43 -4.24 3.33 -6.29
C PRO A 43 -2.86 3.16 -6.97
N ALA A 44 -2.42 1.93 -7.13
CA ALA A 44 -1.15 1.64 -7.74
C ALA A 44 -1.22 1.88 -9.25
N PRO A 45 -0.06 2.15 -9.89
CA PRO A 45 0.02 2.36 -11.34
C PRO A 45 -0.64 1.23 -12.13
N ASP A 46 -0.08 0.03 -12.05
CA ASP A 46 -0.64 -1.12 -12.76
C ASP A 46 -1.13 -2.17 -11.77
N CYS A 47 -0.73 -1.99 -10.50
CA CYS A 47 -1.12 -2.87 -9.39
C CYS A 47 -0.63 -4.32 -9.57
N HIS A 48 -0.43 -5.01 -8.45
CA HIS A 48 0.07 -6.40 -8.48
C HIS A 48 -0.66 -7.27 -7.46
N CYS A 49 -0.90 -6.73 -6.29
CA CYS A 49 -1.47 -7.47 -5.18
C CYS A 49 -2.94 -7.86 -5.42
N GLU A 50 -3.20 -9.15 -5.44
CA GLU A 50 -4.53 -9.68 -5.59
C GLU A 50 -4.79 -10.77 -4.55
N ARG A 51 -3.77 -11.04 -3.74
CA ARG A 51 -3.81 -12.08 -2.77
C ARG A 51 -4.27 -11.52 -1.44
N SER A 52 -4.69 -12.40 -0.59
CA SER A 52 -5.16 -12.06 0.73
C SER A 52 -6.16 -10.91 0.72
N ASN A 1 15.82 8.83 0.87
CA ASN A 1 14.97 7.61 0.77
C ASN A 1 13.52 7.99 0.44
N GLU A 2 13.12 7.74 -0.80
CA GLU A 2 11.76 8.02 -1.24
C GLU A 2 10.78 7.10 -0.51
N LEU A 3 9.54 7.51 -0.43
CA LEU A 3 8.57 6.75 0.33
C LEU A 3 7.82 5.76 -0.56
N ARG A 4 8.07 4.47 -0.34
CA ARG A 4 7.42 3.42 -1.09
C ARG A 4 6.43 2.69 -0.21
N CYS A 5 5.51 1.97 -0.83
CA CYS A 5 4.51 1.22 -0.10
C CYS A 5 5.14 0.07 0.67
N GLY A 6 4.60 -0.22 1.84
CA GLY A 6 5.10 -1.27 2.67
C GLY A 6 4.67 -2.62 2.22
N CYS A 7 3.62 -2.65 1.42
CA CYS A 7 3.06 -3.89 0.91
C CYS A 7 4.14 -4.70 0.20
N PRO A 8 4.52 -5.85 0.77
CA PRO A 8 5.54 -6.73 0.20
C PRO A 8 5.12 -7.36 -1.12
N ASP A 9 3.87 -7.16 -1.50
CA ASP A 9 3.35 -7.72 -2.73
C ASP A 9 3.11 -6.64 -3.78
N CYS A 10 3.31 -5.39 -3.42
CA CYS A 10 3.03 -4.31 -4.34
C CYS A 10 4.00 -3.15 -4.16
N HIS A 11 4.20 -2.39 -5.22
CA HIS A 11 5.04 -1.22 -5.19
C HIS A 11 4.23 0.00 -5.56
N CYS A 12 3.75 0.70 -4.55
CA CYS A 12 2.94 1.87 -4.77
C CYS A 12 3.70 3.11 -4.36
N LYS A 13 3.52 4.19 -5.12
CA LYS A 13 4.12 5.46 -4.77
C LYS A 13 3.41 6.03 -3.55
N VAL A 14 4.15 6.30 -2.51
CA VAL A 14 3.56 6.81 -1.29
C VAL A 14 3.95 8.25 -1.05
N ASP A 15 3.00 9.02 -0.56
CA ASP A 15 3.21 10.41 -0.24
C ASP A 15 3.27 10.58 1.27
N PRO A 16 4.24 11.34 1.79
CA PRO A 16 4.41 11.54 3.25
C PRO A 16 3.20 12.19 3.94
N GLU A 17 2.31 12.79 3.16
CA GLU A 17 1.13 13.41 3.72
C GLU A 17 -0.11 12.53 3.50
N ARG A 18 -0.06 11.70 2.48
CA ARG A 18 -1.20 10.83 2.13
C ARG A 18 -0.90 9.39 2.46
N VAL A 19 0.03 9.21 3.34
CA VAL A 19 0.49 7.90 3.74
C VAL A 19 -0.34 7.32 4.90
N PHE A 20 -0.68 6.04 4.77
CA PHE A 20 -1.34 5.32 5.82
C PHE A 20 -0.31 4.52 6.58
N ASN A 21 -0.39 4.54 7.89
CA ASN A 21 0.59 3.84 8.70
C ASN A 21 -0.01 2.62 9.35
N HIS A 22 0.74 1.54 9.35
CA HIS A 22 0.35 0.30 9.99
C HIS A 22 1.59 -0.51 10.26
N ASP A 23 1.72 -1.00 11.49
CA ASP A 23 2.88 -1.81 11.91
C ASP A 23 4.16 -0.95 11.87
N GLY A 24 3.97 0.37 11.93
CA GLY A 24 5.09 1.28 11.88
C GLY A 24 5.61 1.46 10.46
N GLU A 25 4.90 0.88 9.52
CA GLU A 25 5.29 0.93 8.12
C GLU A 25 4.39 1.89 7.36
N ALA A 26 4.92 2.41 6.26
CA ALA A 26 4.21 3.38 5.44
C ALA A 26 3.54 2.70 4.25
N TYR A 27 2.28 3.04 4.02
CA TYR A 27 1.52 2.46 2.92
C TYR A 27 0.81 3.54 2.12
N CYS A 28 0.48 3.22 0.89
CA CYS A 28 -0.22 4.17 0.00
C CYS A 28 -1.68 4.33 0.40
N SER A 29 -2.31 3.22 0.70
CA SER A 29 -3.71 3.17 0.97
C SER A 29 -4.00 2.23 2.11
N GLN A 30 -5.19 2.37 2.69
CA GLN A 30 -5.63 1.50 3.76
C GLN A 30 -5.66 0.04 3.28
N ALA A 31 -5.81 -0.16 1.98
CA ALA A 31 -5.83 -1.51 1.39
C ALA A 31 -4.51 -2.23 1.70
N CYS A 32 -3.41 -1.65 1.24
CA CYS A 32 -2.09 -2.22 1.49
C CYS A 32 -1.73 -2.14 2.97
N ALA A 33 -2.16 -1.05 3.60
CA ALA A 33 -1.86 -0.80 5.01
C ALA A 33 -2.38 -1.89 5.90
N GLU A 34 -3.65 -2.16 5.76
CA GLU A 34 -4.33 -3.16 6.58
C GLU A 34 -4.04 -4.57 6.10
N GLN A 35 -3.12 -4.68 5.14
CA GLN A 35 -2.70 -5.97 4.58
C GLN A 35 -3.84 -6.65 3.84
N HIS A 36 -4.74 -5.81 3.32
CA HIS A 36 -5.89 -6.24 2.51
C HIS A 36 -6.75 -7.27 3.26
N PRO A 37 -7.59 -6.80 4.19
CA PRO A 37 -8.45 -7.68 4.99
C PRO A 37 -9.71 -8.11 4.25
N ASN A 38 -9.96 -7.50 3.10
CA ASN A 38 -11.12 -7.86 2.28
C ASN A 38 -10.67 -8.43 0.95
N GLY A 39 -9.41 -8.21 0.64
CA GLY A 39 -8.86 -8.66 -0.62
C GLY A 39 -9.00 -7.58 -1.66
N GLU A 40 -9.14 -6.36 -1.16
CA GLU A 40 -9.34 -5.19 -1.98
C GLU A 40 -8.00 -4.71 -2.57
N PRO A 41 -7.92 -4.58 -3.90
CA PRO A 41 -6.70 -4.06 -4.55
C PRO A 41 -6.48 -2.60 -4.21
N CYS A 42 -5.23 -2.17 -4.20
CA CYS A 42 -4.90 -0.80 -3.88
C CYS A 42 -5.02 0.09 -5.13
N PRO A 43 -5.08 1.43 -4.97
CA PRO A 43 -5.21 2.35 -6.09
C PRO A 43 -3.88 2.60 -6.83
N ALA A 44 -2.93 1.69 -6.68
CA ALA A 44 -1.65 1.81 -7.37
C ALA A 44 -1.82 1.56 -8.86
N PRO A 45 -1.20 2.38 -9.72
CA PRO A 45 -1.32 2.25 -11.18
C PRO A 45 -0.81 0.91 -11.71
N ASP A 46 0.28 0.44 -11.16
CA ASP A 46 0.87 -0.82 -11.60
C ASP A 46 0.71 -1.90 -10.53
N CYS A 47 -0.36 -1.78 -9.75
CA CYS A 47 -0.66 -2.73 -8.66
C CYS A 47 -0.52 -4.18 -9.10
N HIS A 48 0.08 -4.99 -8.25
CA HIS A 48 0.26 -6.41 -8.53
C HIS A 48 -0.17 -7.27 -7.34
N CYS A 49 -0.70 -6.64 -6.30
CA CYS A 49 -1.13 -7.37 -5.13
C CYS A 49 -2.63 -7.56 -5.14
N GLU A 50 -3.08 -8.67 -4.54
CA GLU A 50 -4.50 -9.01 -4.47
C GLU A 50 -5.17 -8.94 -5.81
N ARG A 51 -4.94 -9.96 -6.57
CA ARG A 51 -5.49 -10.03 -7.89
C ARG A 51 -6.84 -10.72 -7.88
N SER A 52 -7.84 -10.02 -8.31
CA SER A 52 -9.17 -10.56 -8.35
C SER A 52 -9.83 -10.32 -9.70
N ASN A 1 11.45 9.35 -3.96
CA ASN A 1 10.64 8.98 -2.77
C ASN A 1 11.23 7.76 -2.07
N GLU A 2 11.74 7.96 -0.85
CA GLU A 2 12.31 6.88 -0.07
C GLU A 2 11.21 6.00 0.48
N LEU A 3 10.05 6.59 0.68
CA LEU A 3 8.91 5.91 1.24
C LEU A 3 8.19 5.08 0.17
N ARG A 4 7.91 3.83 0.50
CA ARG A 4 7.21 2.92 -0.42
C ARG A 4 6.09 2.21 0.33
N CYS A 5 5.21 1.56 -0.42
CA CYS A 5 4.09 0.84 0.18
C CYS A 5 4.58 -0.45 0.83
N GLY A 6 3.93 -0.82 1.91
CA GLY A 6 4.30 -2.04 2.62
C GLY A 6 4.10 -3.27 1.80
N CYS A 7 3.16 -3.21 0.89
CA CYS A 7 2.89 -4.29 -0.02
C CYS A 7 4.14 -4.64 -0.83
N PRO A 8 4.67 -5.85 -0.63
CA PRO A 8 5.87 -6.32 -1.34
C PRO A 8 5.58 -6.78 -2.77
N ASP A 9 4.36 -7.23 -3.00
CA ASP A 9 3.96 -7.74 -4.31
C ASP A 9 3.39 -6.63 -5.18
N CYS A 10 3.28 -5.45 -4.61
CA CYS A 10 2.77 -4.30 -5.31
C CYS A 10 3.66 -3.10 -5.04
N HIS A 11 3.79 -2.21 -6.00
CA HIS A 11 4.62 -1.03 -5.80
C HIS A 11 3.80 0.26 -5.93
N CYS A 12 3.39 0.79 -4.81
CA CYS A 12 2.66 2.05 -4.77
C CYS A 12 3.58 3.13 -4.25
N LYS A 13 3.69 4.25 -4.97
CA LYS A 13 4.44 5.35 -4.52
C LYS A 13 3.76 5.99 -3.33
N VAL A 14 4.30 5.75 -2.16
CA VAL A 14 3.74 6.32 -0.97
C VAL A 14 4.33 7.68 -0.72
N ASP A 15 3.48 8.65 -0.55
CA ASP A 15 3.91 10.01 -0.33
C ASP A 15 4.04 10.28 1.15
N PRO A 16 5.17 10.84 1.59
CA PRO A 16 5.40 11.16 3.01
C PRO A 16 4.36 12.12 3.58
N GLU A 17 3.71 12.86 2.69
CA GLU A 17 2.70 13.80 3.11
C GLU A 17 1.36 13.10 3.32
N ARG A 18 1.14 12.02 2.58
CA ARG A 18 -0.14 11.30 2.62
C ARG A 18 0.11 9.81 2.67
N VAL A 19 0.52 9.36 3.80
CA VAL A 19 0.84 7.96 4.01
C VAL A 19 0.06 7.36 5.18
N PHE A 20 -0.39 6.14 5.00
CA PHE A 20 -1.07 5.42 6.06
C PHE A 20 -0.07 4.53 6.78
N ASN A 21 -0.13 4.52 8.09
CA ASN A 21 0.77 3.69 8.87
C ASN A 21 0.02 2.53 9.47
N HIS A 22 0.60 1.36 9.35
CA HIS A 22 -0.01 0.18 9.89
C HIS A 22 1.07 -0.81 10.30
N ASP A 23 1.10 -1.13 11.59
CA ASP A 23 2.09 -2.06 12.16
C ASP A 23 3.51 -1.51 12.01
N GLY A 24 3.60 -0.18 11.95
CA GLY A 24 4.90 0.47 11.81
C GLY A 24 5.32 0.59 10.36
N GLU A 25 4.57 -0.01 9.47
CA GLU A 25 4.88 0.02 8.07
C GLU A 25 4.05 1.10 7.37
N ALA A 26 4.54 1.59 6.27
CA ALA A 26 3.87 2.65 5.53
C ALA A 26 3.13 2.10 4.34
N TYR A 27 1.99 2.69 4.02
CA TYR A 27 1.17 2.24 2.91
C TYR A 27 0.58 3.43 2.18
N CYS A 28 0.27 3.22 0.91
CA CYS A 28 -0.33 4.28 0.08
C CYS A 28 -1.75 4.56 0.54
N SER A 29 -2.47 3.50 0.80
CA SER A 29 -3.85 3.57 1.19
C SER A 29 -4.10 2.51 2.25
N GLN A 30 -5.26 2.55 2.86
CA GLN A 30 -5.60 1.58 3.88
C GLN A 30 -5.81 0.18 3.29
N ALA A 31 -5.96 0.10 1.97
CA ALA A 31 -6.14 -1.19 1.29
C ALA A 31 -4.93 -2.08 1.52
N CYS A 32 -3.75 -1.63 1.09
CA CYS A 32 -2.52 -2.38 1.28
C CYS A 32 -2.18 -2.45 2.77
N ALA A 33 -2.61 -1.43 3.51
CA ALA A 33 -2.33 -1.33 4.94
C ALA A 33 -2.97 -2.44 5.74
N GLU A 34 -4.26 -2.61 5.55
CA GLU A 34 -5.02 -3.62 6.28
C GLU A 34 -4.91 -4.98 5.62
N GLN A 35 -3.95 -5.12 4.69
CA GLN A 35 -3.67 -6.39 4.01
C GLN A 35 -4.84 -6.79 3.10
N HIS A 36 -5.62 -5.78 2.71
CA HIS A 36 -6.78 -5.96 1.83
C HIS A 36 -7.78 -6.94 2.44
N PRO A 37 -8.62 -6.47 3.37
CA PRO A 37 -9.60 -7.31 4.07
C PRO A 37 -10.73 -7.79 3.15
N ASN A 38 -10.97 -7.05 2.08
CA ASN A 38 -11.99 -7.43 1.12
C ASN A 38 -11.38 -7.80 -0.21
N GLY A 39 -10.17 -7.34 -0.44
CA GLY A 39 -9.50 -7.59 -1.68
C GLY A 39 -9.57 -6.37 -2.56
N GLU A 40 -9.77 -5.24 -1.92
CA GLU A 40 -9.89 -3.96 -2.60
C GLU A 40 -8.55 -3.52 -3.17
N PRO A 41 -8.47 -3.32 -4.49
CA PRO A 41 -7.24 -2.85 -5.13
C PRO A 41 -6.89 -1.44 -4.69
N CYS A 42 -5.62 -1.20 -4.43
CA CYS A 42 -5.15 0.09 -3.99
C CYS A 42 -5.23 1.11 -5.13
N PRO A 43 -5.18 2.42 -4.82
CA PRO A 43 -5.25 3.48 -5.83
C PRO A 43 -3.92 3.70 -6.56
N ALA A 44 -3.17 2.62 -6.75
CA ALA A 44 -1.90 2.70 -7.44
C ALA A 44 -2.10 2.39 -8.92
N PRO A 45 -1.52 3.23 -9.81
CA PRO A 45 -1.66 3.05 -11.27
C PRO A 45 -1.05 1.74 -11.75
N ASP A 46 -0.02 1.31 -11.07
CA ASP A 46 0.69 0.09 -11.45
C ASP A 46 0.53 -0.97 -10.39
N CYS A 47 -0.62 -0.96 -9.72
CA CYS A 47 -0.93 -1.95 -8.70
C CYS A 47 -0.76 -3.37 -9.23
N HIS A 48 -0.27 -4.25 -8.39
CA HIS A 48 -0.11 -5.63 -8.77
C HIS A 48 -0.35 -6.56 -7.59
N CYS A 49 -1.12 -6.09 -6.60
CA CYS A 49 -1.46 -6.92 -5.45
C CYS A 49 -2.05 -8.23 -5.93
N GLU A 50 -1.32 -9.29 -5.69
CA GLU A 50 -1.68 -10.61 -6.17
C GLU A 50 -1.94 -11.55 -5.02
N ARG A 51 -1.30 -11.32 -3.90
CA ARG A 51 -1.50 -12.16 -2.73
C ARG A 51 -2.59 -11.56 -1.85
N SER A 52 -3.28 -12.41 -1.12
CA SER A 52 -4.33 -11.97 -0.21
C SER A 52 -4.55 -13.00 0.89
N ASN A 1 10.13 6.77 -5.45
CA ASN A 1 10.22 7.63 -4.23
C ASN A 1 10.97 6.91 -3.10
N GLU A 2 11.24 7.64 -2.04
CA GLU A 2 11.93 7.09 -0.89
C GLU A 2 10.98 6.21 -0.08
N LEU A 3 9.78 6.70 0.11
CA LEU A 3 8.79 5.99 0.89
C LEU A 3 7.93 5.12 -0.02
N ARG A 4 8.01 3.81 0.14
CA ARG A 4 7.25 2.89 -0.69
C ARG A 4 6.15 2.25 0.11
N CYS A 5 5.20 1.64 -0.58
CA CYS A 5 4.11 0.95 0.07
C CYS A 5 4.62 -0.35 0.69
N GLY A 6 4.05 -0.71 1.82
CA GLY A 6 4.46 -1.90 2.53
C GLY A 6 4.00 -3.16 1.89
N CYS A 7 3.11 -3.03 0.95
CA CYS A 7 2.59 -4.17 0.26
C CYS A 7 3.71 -4.93 -0.44
N PRO A 8 3.97 -6.17 -0.02
CA PRO A 8 5.05 -6.99 -0.56
C PRO A 8 4.96 -7.19 -2.08
N ASP A 9 3.74 -7.19 -2.60
CA ASP A 9 3.56 -7.38 -4.03
C ASP A 9 3.36 -6.08 -4.75
N CYS A 10 3.15 -5.02 -4.01
CA CYS A 10 2.83 -3.76 -4.64
C CYS A 10 3.56 -2.60 -3.98
N HIS A 11 4.34 -1.89 -4.76
CA HIS A 11 5.02 -0.73 -4.28
C HIS A 11 4.41 0.47 -4.93
N CYS A 12 3.47 1.05 -4.23
CA CYS A 12 2.68 2.13 -4.75
C CYS A 12 3.29 3.48 -4.47
N LYS A 13 2.66 4.49 -5.03
CA LYS A 13 3.05 5.86 -4.79
C LYS A 13 2.59 6.29 -3.41
N VAL A 14 3.54 6.53 -2.55
CA VAL A 14 3.24 6.92 -1.20
C VAL A 14 3.61 8.37 -0.97
N ASP A 15 2.73 9.09 -0.31
CA ASP A 15 2.95 10.49 -0.01
C ASP A 15 3.63 10.60 1.35
N PRO A 16 4.67 11.42 1.46
CA PRO A 16 5.38 11.61 2.73
C PRO A 16 4.49 12.19 3.83
N GLU A 17 3.45 12.91 3.42
CA GLU A 17 2.54 13.52 4.34
C GLU A 17 1.25 12.72 4.41
N ARG A 18 0.97 11.99 3.34
CA ARG A 18 -0.25 11.20 3.25
C ARG A 18 0.07 9.74 3.09
N VAL A 19 0.64 9.19 4.13
CA VAL A 19 1.00 7.79 4.17
C VAL A 19 0.20 7.07 5.26
N PHE A 20 -0.37 5.94 4.89
CA PHE A 20 -1.11 5.11 5.83
C PHE A 20 -0.12 4.27 6.62
N ASN A 21 -0.18 4.37 7.93
CA ASN A 21 0.71 3.59 8.77
C ASN A 21 0.00 2.35 9.28
N HIS A 22 0.70 1.24 9.27
CA HIS A 22 0.13 -0.01 9.77
C HIS A 22 1.25 -0.99 10.11
N ASP A 23 1.25 -1.49 11.35
CA ASP A 23 2.25 -2.47 11.81
C ASP A 23 3.66 -1.86 11.78
N GLY A 24 3.73 -0.53 11.79
CA GLY A 24 5.00 0.15 11.74
C GLY A 24 5.50 0.33 10.32
N GLU A 25 4.72 -0.14 9.36
CA GLU A 25 5.07 -0.04 7.97
C GLU A 25 4.28 1.10 7.32
N ALA A 26 4.78 1.57 6.21
CA ALA A 26 4.18 2.66 5.47
C ALA A 26 3.40 2.11 4.28
N TYR A 27 2.25 2.67 4.02
CA TYR A 27 1.41 2.22 2.92
C TYR A 27 0.84 3.41 2.17
N CYS A 28 0.42 3.18 0.94
CA CYS A 28 -0.17 4.23 0.13
C CYS A 28 -1.56 4.57 0.64
N SER A 29 -2.33 3.53 0.94
CA SER A 29 -3.69 3.68 1.41
C SER A 29 -4.09 2.48 2.26
N GLN A 30 -5.34 2.49 2.72
CA GLN A 30 -5.87 1.45 3.59
C GLN A 30 -5.90 0.07 2.93
N ALA A 31 -6.02 0.04 1.60
CA ALA A 31 -6.10 -1.21 0.86
C ALA A 31 -4.93 -2.13 1.16
N CYS A 32 -3.74 -1.66 0.89
CA CYS A 32 -2.53 -2.44 1.11
C CYS A 32 -2.22 -2.55 2.59
N ALA A 33 -2.61 -1.54 3.34
CA ALA A 33 -2.34 -1.47 4.78
C ALA A 33 -3.08 -2.56 5.54
N GLU A 34 -4.35 -2.71 5.22
CA GLU A 34 -5.21 -3.71 5.87
C GLU A 34 -5.00 -5.09 5.26
N GLN A 35 -4.04 -5.18 4.33
CA GLN A 35 -3.70 -6.43 3.64
C GLN A 35 -4.85 -6.89 2.75
N HIS A 36 -5.68 -5.93 2.34
CA HIS A 36 -6.83 -6.17 1.44
C HIS A 36 -7.76 -7.26 2.00
N PRO A 37 -8.52 -6.94 3.07
CA PRO A 37 -9.46 -7.90 3.67
C PRO A 37 -10.57 -8.28 2.71
N ASN A 38 -11.17 -7.29 2.07
CA ASN A 38 -12.23 -7.52 1.10
C ASN A 38 -11.63 -7.68 -0.29
N GLY A 39 -10.41 -7.19 -0.46
CA GLY A 39 -9.73 -7.32 -1.73
C GLY A 39 -9.75 -6.06 -2.56
N GLU A 40 -10.04 -4.92 -1.92
CA GLU A 40 -10.09 -3.65 -2.64
C GLU A 40 -8.74 -3.32 -3.27
N PRO A 41 -8.73 -2.74 -4.47
CA PRO A 41 -7.51 -2.36 -5.14
C PRO A 41 -6.96 -1.02 -4.63
N CYS A 42 -5.66 -0.86 -4.67
CA CYS A 42 -5.02 0.36 -4.24
C CYS A 42 -4.87 1.31 -5.44
N PRO A 43 -4.77 2.63 -5.20
CA PRO A 43 -4.66 3.64 -6.27
C PRO A 43 -3.28 3.67 -6.95
N ALA A 44 -2.61 2.52 -7.03
CA ALA A 44 -1.31 2.44 -7.66
C ALA A 44 -1.45 2.15 -9.15
N PRO A 45 -0.79 2.96 -10.00
CA PRO A 45 -0.82 2.76 -11.46
C PRO A 45 -0.33 1.37 -11.88
N ASP A 46 0.80 0.95 -11.33
CA ASP A 46 1.39 -0.35 -11.69
C ASP A 46 1.03 -1.40 -10.65
N CYS A 47 -0.12 -1.21 -9.98
CA CYS A 47 -0.62 -2.10 -8.94
C CYS A 47 -0.56 -3.58 -9.35
N HIS A 48 -0.19 -4.44 -8.40
CA HIS A 48 -0.14 -5.87 -8.64
C HIS A 48 -0.11 -6.64 -7.32
N CYS A 49 -1.10 -6.39 -6.48
CA CYS A 49 -1.20 -7.05 -5.19
C CYS A 49 -1.68 -8.49 -5.37
N GLU A 50 -0.77 -9.44 -5.16
CA GLU A 50 -1.10 -10.85 -5.33
C GLU A 50 -1.64 -11.43 -4.03
N ARG A 51 -0.83 -11.48 -2.98
CA ARG A 51 -1.28 -12.02 -1.72
C ARG A 51 -2.01 -10.98 -0.89
N SER A 52 -3.07 -11.39 -0.25
CA SER A 52 -3.86 -10.51 0.58
C SER A 52 -3.61 -10.78 2.07
N ASN A 1 16.53 8.55 2.99
CA ASN A 1 15.26 7.78 3.16
C ASN A 1 14.44 7.78 1.89
N GLU A 2 13.75 6.69 1.65
CA GLU A 2 12.87 6.56 0.51
C GLU A 2 11.52 6.04 0.96
N LEU A 3 10.47 6.46 0.30
CA LEU A 3 9.12 6.11 0.73
C LEU A 3 8.39 5.28 -0.32
N ARG A 4 8.04 4.05 0.04
CA ARG A 4 7.27 3.17 -0.84
C ARG A 4 6.22 2.43 -0.03
N CYS A 5 5.32 1.75 -0.71
CA CYS A 5 4.26 1.03 -0.02
C CYS A 5 4.80 -0.21 0.68
N GLY A 6 4.19 -0.55 1.81
CA GLY A 6 4.61 -1.69 2.59
C GLY A 6 4.29 -2.98 1.92
N CYS A 7 3.35 -2.95 1.01
CA CYS A 7 2.95 -4.12 0.26
C CYS A 7 4.15 -4.66 -0.52
N PRO A 8 4.65 -5.83 -0.13
CA PRO A 8 5.83 -6.44 -0.77
C PRO A 8 5.54 -6.99 -2.15
N ASP A 9 4.27 -7.03 -2.52
CA ASP A 9 3.89 -7.59 -3.82
C ASP A 9 3.41 -6.48 -4.77
N CYS A 10 3.47 -5.24 -4.32
CA CYS A 10 3.00 -4.13 -5.12
C CYS A 10 3.90 -2.90 -4.94
N HIS A 11 3.95 -2.08 -5.97
CA HIS A 11 4.71 -0.83 -5.93
C HIS A 11 3.78 0.34 -6.14
N CYS A 12 3.35 0.93 -5.06
CA CYS A 12 2.46 2.06 -5.11
C CYS A 12 3.21 3.34 -4.80
N LYS A 13 2.83 4.42 -5.47
CA LYS A 13 3.40 5.69 -5.15
C LYS A 13 2.82 6.18 -3.82
N VAL A 14 3.67 6.44 -2.88
CA VAL A 14 3.23 6.84 -1.56
C VAL A 14 3.42 8.31 -1.34
N ASP A 15 2.37 8.96 -0.90
CA ASP A 15 2.39 10.37 -0.63
C ASP A 15 2.89 10.60 0.78
N PRO A 16 3.82 11.54 0.97
CA PRO A 16 4.39 11.83 2.29
C PRO A 16 3.37 12.39 3.28
N GLU A 17 2.26 12.89 2.79
CA GLU A 17 1.23 13.44 3.65
C GLU A 17 0.06 12.47 3.81
N ARG A 18 -0.16 11.64 2.81
CA ARG A 18 -1.30 10.71 2.83
C ARG A 18 -0.88 9.29 3.09
N VAL A 19 0.33 9.14 3.52
CA VAL A 19 0.89 7.83 3.82
C VAL A 19 0.17 7.15 4.98
N PHE A 20 -0.28 5.93 4.72
CA PHE A 20 -0.95 5.13 5.72
C PHE A 20 0.08 4.36 6.54
N ASN A 21 0.15 4.65 7.82
CA ASN A 21 1.11 3.97 8.68
C ASN A 21 0.51 2.71 9.26
N HIS A 22 1.15 1.60 9.01
CA HIS A 22 0.73 0.32 9.55
C HIS A 22 1.93 -0.50 9.89
N ASP A 23 2.04 -0.92 11.16
CA ASP A 23 3.16 -1.75 11.63
C ASP A 23 4.48 -0.97 11.54
N GLY A 24 4.36 0.36 11.49
CA GLY A 24 5.53 1.20 11.39
C GLY A 24 6.00 1.38 9.95
N GLU A 25 5.29 0.73 9.04
CA GLU A 25 5.62 0.79 7.63
C GLU A 25 4.75 1.85 6.95
N ALA A 26 5.17 2.27 5.78
CA ALA A 26 4.45 3.29 5.02
C ALA A 26 3.65 2.64 3.91
N TYR A 27 2.39 3.01 3.81
CA TYR A 27 1.52 2.46 2.78
C TYR A 27 0.87 3.57 2.00
N CYS A 28 0.42 3.24 0.80
CA CYS A 28 -0.24 4.22 -0.06
C CYS A 28 -1.65 4.51 0.45
N SER A 29 -2.36 3.44 0.82
CA SER A 29 -3.72 3.54 1.25
C SER A 29 -4.05 2.37 2.18
N GLN A 30 -5.30 2.28 2.60
CA GLN A 30 -5.72 1.25 3.54
C GLN A 30 -5.76 -0.15 2.93
N ALA A 31 -5.88 -0.25 1.61
CA ALA A 31 -5.93 -1.56 0.95
C ALA A 31 -4.71 -2.39 1.29
N CYS A 32 -3.55 -1.87 0.96
CA CYS A 32 -2.29 -2.56 1.24
C CYS A 32 -2.00 -2.58 2.73
N ALA A 33 -2.36 -1.51 3.41
CA ALA A 33 -2.08 -1.36 4.84
C ALA A 33 -2.79 -2.42 5.66
N GLU A 34 -4.04 -2.65 5.33
CA GLU A 34 -4.85 -3.62 6.06
C GLU A 34 -4.65 -5.03 5.52
N GLN A 35 -3.66 -5.17 4.63
CA GLN A 35 -3.29 -6.47 4.04
C GLN A 35 -4.39 -7.01 3.14
N HIS A 36 -5.25 -6.10 2.67
CA HIS A 36 -6.35 -6.42 1.77
C HIS A 36 -7.32 -7.43 2.42
N PRO A 37 -8.23 -6.94 3.29
CA PRO A 37 -9.19 -7.79 3.99
C PRO A 37 -10.32 -8.29 3.08
N ASN A 38 -10.69 -7.48 2.11
CA ASN A 38 -11.78 -7.82 1.19
C ASN A 38 -11.23 -8.39 -0.11
N GLY A 39 -10.00 -8.03 -0.42
CA GLY A 39 -9.40 -8.46 -1.66
C GLY A 39 -9.44 -7.33 -2.66
N GLU A 40 -9.44 -6.13 -2.12
CA GLU A 40 -9.54 -4.92 -2.89
C GLU A 40 -8.17 -4.49 -3.40
N PRO A 41 -8.00 -4.38 -4.73
CA PRO A 41 -6.77 -3.87 -5.32
C PRO A 41 -6.60 -2.40 -4.96
N CYS A 42 -5.39 -2.00 -4.65
CA CYS A 42 -5.13 -0.64 -4.25
C CYS A 42 -5.21 0.31 -5.45
N PRO A 43 -5.42 1.63 -5.21
CA PRO A 43 -5.52 2.63 -6.28
C PRO A 43 -4.15 3.01 -6.87
N ALA A 44 -3.29 2.03 -7.04
CA ALA A 44 -1.98 2.29 -7.60
C ALA A 44 -1.98 2.02 -9.11
N PRO A 45 -1.40 2.94 -9.90
CA PRO A 45 -1.33 2.79 -11.36
C PRO A 45 -0.49 1.58 -11.78
N ASP A 46 0.44 1.20 -10.92
CA ASP A 46 1.32 0.06 -11.18
C ASP A 46 0.95 -1.11 -10.28
N CYS A 47 -0.26 -1.08 -9.76
CA CYS A 47 -0.75 -2.12 -8.84
C CYS A 47 -0.56 -3.53 -9.41
N HIS A 48 -0.16 -4.44 -8.54
CA HIS A 48 0.05 -5.83 -8.91
C HIS A 48 -0.64 -6.76 -7.90
N CYS A 49 -1.18 -6.18 -6.86
CA CYS A 49 -1.81 -6.96 -5.80
C CYS A 49 -3.33 -6.84 -5.86
N GLU A 50 -3.99 -7.64 -5.04
CA GLU A 50 -5.44 -7.61 -4.91
C GLU A 50 -5.87 -8.52 -3.76
N ARG A 51 -5.76 -9.82 -3.96
CA ARG A 51 -6.07 -10.77 -2.91
C ARG A 51 -4.80 -11.13 -2.16
N SER A 52 -4.94 -11.66 -0.97
CA SER A 52 -3.81 -12.08 -0.18
C SER A 52 -4.07 -13.47 0.41
N ASN A 1 12.05 11.99 -0.47
CA ASN A 1 11.74 11.02 0.62
C ASN A 1 11.62 9.61 0.07
N GLU A 2 12.52 8.74 0.50
CA GLU A 2 12.49 7.34 0.07
C GLU A 2 11.45 6.56 0.87
N LEU A 3 10.19 6.74 0.51
CA LEU A 3 9.11 6.07 1.20
C LEU A 3 8.32 5.21 0.23
N ARG A 4 8.36 3.90 0.43
CA ARG A 4 7.64 2.97 -0.42
C ARG A 4 6.50 2.33 0.33
N CYS A 5 5.65 1.65 -0.39
CA CYS A 5 4.53 0.96 0.20
C CYS A 5 5.00 -0.31 0.89
N GLY A 6 4.29 -0.71 1.92
CA GLY A 6 4.63 -1.89 2.66
C GLY A 6 4.45 -3.15 1.85
N CYS A 7 3.52 -3.10 0.91
CA CYS A 7 3.27 -4.23 0.03
C CYS A 7 4.52 -4.54 -0.79
N PRO A 8 5.20 -5.67 -0.51
CA PRO A 8 6.45 -6.04 -1.18
C PRO A 8 6.20 -6.68 -2.54
N ASP A 9 4.96 -6.98 -2.82
CA ASP A 9 4.61 -7.62 -4.07
C ASP A 9 4.07 -6.60 -5.06
N CYS A 10 3.80 -5.40 -4.57
CA CYS A 10 3.22 -4.36 -5.39
C CYS A 10 4.14 -3.14 -5.45
N HIS A 11 3.93 -2.29 -6.46
CA HIS A 11 4.70 -1.06 -6.60
C HIS A 11 3.77 0.14 -6.57
N CYS A 12 3.66 0.75 -5.40
CA CYS A 12 2.78 1.90 -5.23
C CYS A 12 3.58 3.16 -5.01
N LYS A 13 2.94 4.28 -5.22
CA LYS A 13 3.53 5.55 -4.94
C LYS A 13 2.97 6.08 -3.62
N VAL A 14 3.83 6.30 -2.67
CA VAL A 14 3.40 6.69 -1.34
C VAL A 14 3.60 8.17 -1.09
N ASP A 15 2.55 8.80 -0.67
CA ASP A 15 2.59 10.21 -0.33
C ASP A 15 3.13 10.34 1.08
N PRO A 16 4.20 11.13 1.28
CA PRO A 16 4.83 11.29 2.60
C PRO A 16 3.92 11.92 3.65
N GLU A 17 2.91 12.64 3.22
CA GLU A 17 2.00 13.28 4.16
C GLU A 17 0.69 12.52 4.25
N ARG A 18 0.34 11.84 3.18
CA ARG A 18 -0.93 11.13 3.09
C ARG A 18 -0.70 9.63 3.13
N VAL A 19 0.30 9.23 3.89
CA VAL A 19 0.67 7.84 4.01
C VAL A 19 -0.10 7.14 5.14
N PHE A 20 -0.57 5.94 4.87
CA PHE A 20 -1.25 5.15 5.88
C PHE A 20 -0.26 4.29 6.61
N ASN A 21 -0.09 4.53 7.89
CA ASN A 21 0.86 3.77 8.69
C ASN A 21 0.18 2.58 9.34
N HIS A 22 0.86 1.45 9.35
CA HIS A 22 0.34 0.26 10.00
C HIS A 22 1.47 -0.69 10.34
N ASP A 23 1.55 -1.06 11.62
CA ASP A 23 2.59 -1.98 12.13
C ASP A 23 3.98 -1.35 11.99
N GLY A 24 4.02 -0.03 11.90
CA GLY A 24 5.28 0.68 11.76
C GLY A 24 5.72 0.80 10.33
N GLU A 25 4.93 0.24 9.44
CA GLU A 25 5.24 0.26 8.03
C GLU A 25 4.39 1.31 7.33
N ALA A 26 4.89 1.81 6.22
CA ALA A 26 4.23 2.86 5.47
C ALA A 26 3.46 2.27 4.31
N TYR A 27 2.29 2.80 4.04
CA TYR A 27 1.46 2.31 2.95
C TYR A 27 0.86 3.45 2.16
N CYS A 28 0.61 3.20 0.90
CA CYS A 28 0.00 4.17 0.02
C CYS A 28 -1.46 4.38 0.37
N SER A 29 -2.13 3.27 0.61
CA SER A 29 -3.53 3.23 0.86
C SER A 29 -3.82 2.26 1.99
N GLN A 30 -5.02 2.28 2.51
CA GLN A 30 -5.41 1.38 3.57
C GLN A 30 -5.51 -0.06 3.05
N ALA A 31 -5.62 -0.20 1.72
CA ALA A 31 -5.72 -1.52 1.10
C ALA A 31 -4.48 -2.35 1.42
N CYS A 32 -3.31 -1.87 1.02
CA CYS A 32 -2.06 -2.58 1.28
C CYS A 32 -1.75 -2.60 2.78
N ALA A 33 -2.23 -1.58 3.49
CA ALA A 33 -1.98 -1.42 4.92
C ALA A 33 -2.58 -2.55 5.71
N GLU A 34 -3.85 -2.79 5.51
CA GLU A 34 -4.58 -3.81 6.25
C GLU A 34 -4.42 -5.18 5.61
N GLN A 35 -3.50 -5.28 4.64
CA GLN A 35 -3.24 -6.53 3.91
C GLN A 35 -4.40 -6.94 3.03
N HIS A 36 -5.20 -5.94 2.65
CA HIS A 36 -6.36 -6.11 1.77
C HIS A 36 -7.39 -7.06 2.39
N PRO A 37 -8.18 -6.58 3.35
CA PRO A 37 -9.19 -7.39 4.03
C PRO A 37 -10.32 -7.81 3.10
N ASN A 38 -10.77 -6.90 2.27
CA ASN A 38 -11.86 -7.16 1.36
C ASN A 38 -11.35 -7.73 0.05
N GLY A 39 -10.12 -7.39 -0.28
CA GLY A 39 -9.55 -7.81 -1.53
C GLY A 39 -9.58 -6.68 -2.52
N GLU A 40 -9.47 -5.49 -1.99
CA GLU A 40 -9.50 -4.29 -2.77
C GLU A 40 -8.13 -3.97 -3.37
N PRO A 41 -8.07 -3.78 -4.69
CA PRO A 41 -6.83 -3.42 -5.37
C PRO A 41 -6.49 -1.95 -5.11
N CYS A 42 -5.26 -1.69 -4.72
CA CYS A 42 -4.84 -0.35 -4.40
C CYS A 42 -4.76 0.52 -5.67
N PRO A 43 -4.92 1.85 -5.55
CA PRO A 43 -4.89 2.78 -6.69
C PRO A 43 -3.49 3.01 -7.29
N ALA A 44 -2.66 1.98 -7.27
CA ALA A 44 -1.31 2.07 -7.81
C ALA A 44 -1.31 1.69 -9.29
N PRO A 45 -0.58 2.44 -10.12
CA PRO A 45 -0.45 2.12 -11.54
C PRO A 45 0.22 0.78 -11.74
N ASP A 46 1.25 0.54 -10.96
CA ASP A 46 2.02 -0.69 -11.04
C ASP A 46 1.52 -1.70 -10.00
N CYS A 47 0.23 -1.64 -9.72
CA CYS A 47 -0.39 -2.54 -8.75
C CYS A 47 -0.23 -4.00 -9.19
N HIS A 48 0.03 -4.85 -8.22
CA HIS A 48 0.22 -6.27 -8.50
C HIS A 48 -0.50 -7.11 -7.45
N CYS A 49 -1.27 -6.45 -6.61
CA CYS A 49 -1.99 -7.12 -5.54
C CYS A 49 -3.50 -6.92 -5.69
N GLU A 50 -4.27 -7.83 -5.09
CA GLU A 50 -5.72 -7.75 -5.13
C GLU A 50 -6.37 -8.82 -4.25
N ARG A 51 -6.01 -10.07 -4.51
CA ARG A 51 -6.61 -11.19 -3.81
C ARG A 51 -5.93 -11.48 -2.48
N SER A 52 -6.73 -11.86 -1.50
CA SER A 52 -6.24 -12.21 -0.18
C SER A 52 -6.91 -13.50 0.30
N ASN A 1 13.94 9.33 1.89
CA ASN A 1 12.77 10.07 1.35
C ASN A 1 11.98 9.22 0.38
N GLU A 2 12.65 8.27 -0.26
CA GLU A 2 11.99 7.36 -1.18
C GLU A 2 11.05 6.44 -0.42
N LEU A 3 9.82 6.87 -0.26
CA LEU A 3 8.84 6.13 0.49
C LEU A 3 8.05 5.20 -0.41
N ARG A 4 8.23 3.91 -0.19
CA ARG A 4 7.56 2.90 -0.98
C ARG A 4 6.45 2.25 -0.17
N CYS A 5 5.56 1.56 -0.85
CA CYS A 5 4.46 0.88 -0.20
C CYS A 5 4.97 -0.37 0.53
N GLY A 6 4.39 -0.62 1.69
CA GLY A 6 4.80 -1.75 2.50
C GLY A 6 4.34 -3.06 1.95
N CYS A 7 3.38 -3.01 1.06
CA CYS A 7 2.84 -4.21 0.45
C CYS A 7 3.93 -4.99 -0.29
N PRO A 8 4.26 -6.19 0.21
CA PRO A 8 5.29 -7.04 -0.41
C PRO A 8 4.91 -7.51 -1.81
N ASP A 9 3.65 -7.32 -2.16
CA ASP A 9 3.16 -7.76 -3.46
C ASP A 9 2.98 -6.59 -4.40
N CYS A 10 3.11 -5.38 -3.91
CA CYS A 10 2.88 -4.22 -4.75
C CYS A 10 3.79 -3.04 -4.39
N HIS A 11 4.29 -2.38 -5.41
CA HIS A 11 5.12 -1.21 -5.21
C HIS A 11 4.37 0.03 -5.63
N CYS A 12 3.76 0.67 -4.67
CA CYS A 12 2.97 1.85 -4.92
C CYS A 12 3.72 3.09 -4.50
N LYS A 13 3.38 4.21 -5.11
CA LYS A 13 3.96 5.47 -4.73
C LYS A 13 3.34 5.95 -3.42
N VAL A 14 4.18 6.25 -2.46
CA VAL A 14 3.70 6.69 -1.18
C VAL A 14 4.17 8.10 -0.89
N ASP A 15 3.28 8.91 -0.34
CA ASP A 15 3.59 10.28 -0.03
C ASP A 15 3.78 10.45 1.47
N PRO A 16 4.84 11.18 1.89
CA PRO A 16 5.13 11.40 3.32
C PRO A 16 3.99 12.10 4.07
N GLU A 17 3.19 12.88 3.35
CA GLU A 17 2.08 13.61 3.95
C GLU A 17 0.79 12.80 3.83
N ARG A 18 0.73 11.95 2.84
CA ARG A 18 -0.47 11.20 2.55
C ARG A 18 -0.16 9.72 2.54
N VAL A 19 0.19 9.22 3.69
CA VAL A 19 0.55 7.83 3.86
C VAL A 19 -0.26 7.17 4.96
N PHE A 20 -0.67 5.93 4.72
CA PHE A 20 -1.35 5.15 5.74
C PHE A 20 -0.31 4.34 6.49
N ASN A 21 -0.04 4.74 7.71
CA ASN A 21 0.94 4.05 8.53
C ASN A 21 0.26 2.97 9.34
N HIS A 22 0.71 1.76 9.16
CA HIS A 22 0.19 0.62 9.89
C HIS A 22 1.28 -0.40 10.12
N ASP A 23 1.33 -0.95 11.32
CA ASP A 23 2.33 -1.96 11.69
C ASP A 23 3.73 -1.35 11.63
N GLY A 24 3.78 -0.03 11.77
CA GLY A 24 5.04 0.68 11.71
C GLY A 24 5.56 0.80 10.30
N GLU A 25 4.73 0.45 9.35
CA GLU A 25 5.11 0.48 7.96
C GLU A 25 4.28 1.51 7.20
N ALA A 26 4.80 1.96 6.08
CA ALA A 26 4.14 2.97 5.28
C ALA A 26 3.42 2.33 4.09
N TYR A 27 2.21 2.78 3.82
CA TYR A 27 1.44 2.25 2.72
C TYR A 27 0.81 3.36 1.91
N CYS A 28 0.55 3.08 0.64
CA CYS A 28 -0.07 4.06 -0.25
C CYS A 28 -1.48 4.40 0.19
N SER A 29 -2.23 3.36 0.54
CA SER A 29 -3.60 3.52 0.94
C SER A 29 -3.97 2.44 1.93
N GLN A 30 -5.22 2.47 2.36
CA GLN A 30 -5.73 1.52 3.35
C GLN A 30 -5.67 0.08 2.85
N ALA A 31 -5.98 -0.12 1.56
CA ALA A 31 -5.97 -1.47 0.95
C ALA A 31 -4.68 -2.23 1.27
N CYS A 32 -3.55 -1.69 0.88
CA CYS A 32 -2.26 -2.32 1.14
C CYS A 32 -1.92 -2.31 2.63
N ALA A 33 -2.37 -1.27 3.31
CA ALA A 33 -2.07 -1.07 4.74
C ALA A 33 -2.66 -2.18 5.58
N GLU A 34 -3.90 -2.49 5.33
CA GLU A 34 -4.62 -3.51 6.08
C GLU A 34 -4.33 -4.90 5.51
N GLN A 35 -3.41 -4.96 4.55
CA GLN A 35 -2.98 -6.22 3.91
C GLN A 35 -4.11 -6.81 3.07
N HIS A 36 -5.06 -5.95 2.69
CA HIS A 36 -6.22 -6.31 1.86
C HIS A 36 -7.09 -7.38 2.54
N PRO A 37 -7.79 -7.04 3.64
CA PRO A 37 -8.65 -7.99 4.33
C PRO A 37 -10.01 -8.16 3.65
N ASN A 38 -10.41 -7.15 2.90
CA ASN A 38 -11.71 -7.17 2.22
C ASN A 38 -11.57 -7.58 0.77
N GLY A 39 -10.34 -7.57 0.28
CA GLY A 39 -10.10 -7.92 -1.10
C GLY A 39 -10.02 -6.71 -1.98
N GLU A 40 -10.04 -5.55 -1.35
CA GLU A 40 -9.95 -4.29 -2.05
C GLU A 40 -8.53 -4.07 -2.56
N PRO A 41 -8.36 -3.88 -3.89
CA PRO A 41 -7.06 -3.59 -4.48
C PRO A 41 -6.66 -2.14 -4.19
N CYS A 42 -5.39 -1.85 -4.24
CA CYS A 42 -4.92 -0.50 -3.97
C CYS A 42 -5.10 0.38 -5.20
N PRO A 43 -5.27 1.70 -5.01
CA PRO A 43 -5.48 2.64 -6.11
C PRO A 43 -4.18 2.98 -6.85
N ALA A 44 -3.21 2.08 -6.80
CA ALA A 44 -1.96 2.28 -7.47
C ALA A 44 -2.09 1.98 -8.95
N PRO A 45 -1.57 2.85 -9.82
CA PRO A 45 -1.64 2.67 -11.28
C PRO A 45 -0.80 1.49 -11.74
N ASP A 46 0.21 1.15 -10.96
CA ASP A 46 1.10 0.05 -11.28
C ASP A 46 0.85 -1.12 -10.33
N CYS A 47 -0.39 -1.22 -9.85
CA CYS A 47 -0.79 -2.26 -8.91
C CYS A 47 -0.41 -3.66 -9.43
N HIS A 48 0.06 -4.50 -8.51
CA HIS A 48 0.50 -5.83 -8.84
C HIS A 48 0.31 -6.78 -7.65
N CYS A 49 -0.56 -6.38 -6.71
CA CYS A 49 -0.84 -7.18 -5.51
C CYS A 49 -1.24 -8.62 -5.86
N GLU A 50 -2.32 -8.75 -6.64
CA GLU A 50 -2.83 -10.05 -7.11
C GLU A 50 -3.38 -10.92 -5.95
N ARG A 51 -3.39 -10.38 -4.75
CA ARG A 51 -3.85 -11.10 -3.61
C ARG A 51 -5.31 -10.84 -3.43
N SER A 52 -5.97 -11.73 -2.75
CA SER A 52 -7.38 -11.65 -2.49
C SER A 52 -8.22 -11.82 -3.76
N ASN A 1 13.13 11.24 2.27
CA ASN A 1 13.19 9.76 2.37
C ASN A 1 12.28 9.11 1.33
N GLU A 2 12.78 8.06 0.70
CA GLU A 2 12.01 7.32 -0.29
C GLU A 2 10.87 6.58 0.41
N LEU A 3 9.70 7.18 0.43
CA LEU A 3 8.56 6.58 1.09
C LEU A 3 7.99 5.45 0.25
N ARG A 4 8.13 4.25 0.77
CA ARG A 4 7.75 3.03 0.05
C ARG A 4 6.45 2.46 0.60
N CYS A 5 5.79 1.64 -0.20
CA CYS A 5 4.62 0.94 0.21
C CYS A 5 5.03 -0.38 0.86
N GLY A 6 4.39 -0.72 1.96
CA GLY A 6 4.72 -1.93 2.70
C GLY A 6 4.41 -3.19 1.95
N CYS A 7 3.53 -3.09 0.99
CA CYS A 7 3.14 -4.24 0.18
C CYS A 7 4.34 -4.76 -0.60
N PRO A 8 4.81 -5.97 -0.28
CA PRO A 8 5.96 -6.56 -0.95
C PRO A 8 5.64 -7.06 -2.36
N ASP A 9 4.37 -7.31 -2.63
CA ASP A 9 3.97 -7.84 -3.93
C ASP A 9 3.57 -6.72 -4.89
N CYS A 10 3.43 -5.51 -4.37
CA CYS A 10 3.03 -4.38 -5.19
C CYS A 10 3.95 -3.19 -4.95
N HIS A 11 4.15 -2.37 -5.97
CA HIS A 11 5.01 -1.21 -5.85
C HIS A 11 4.20 0.06 -6.14
N CYS A 12 3.79 0.75 -5.10
CA CYS A 12 2.98 1.94 -5.25
C CYS A 12 3.75 3.19 -4.88
N LYS A 13 3.14 4.33 -5.13
CA LYS A 13 3.70 5.60 -4.75
C LYS A 13 3.09 6.05 -3.44
N VAL A 14 3.92 6.21 -2.42
CA VAL A 14 3.44 6.62 -1.13
C VAL A 14 3.72 8.09 -0.89
N ASP A 15 2.68 8.82 -0.55
CA ASP A 15 2.79 10.25 -0.33
C ASP A 15 3.08 10.55 1.14
N PRO A 16 3.98 11.51 1.41
CA PRO A 16 4.31 11.91 2.78
C PRO A 16 3.10 12.53 3.51
N GLU A 17 2.13 13.00 2.74
CA GLU A 17 0.95 13.62 3.29
C GLU A 17 -0.21 12.61 3.30
N ARG A 18 -0.12 11.63 2.41
CA ARG A 18 -1.15 10.62 2.28
C ARG A 18 -0.55 9.23 2.40
N VAL A 19 -0.13 8.91 3.59
CA VAL A 19 0.45 7.61 3.88
C VAL A 19 -0.27 6.93 5.05
N PHE A 20 -0.47 5.63 4.93
CA PHE A 20 -1.07 4.84 5.98
C PHE A 20 -0.02 3.99 6.66
N ASN A 21 0.24 4.28 7.92
CA ASN A 21 1.23 3.52 8.68
C ASN A 21 0.58 2.32 9.34
N HIS A 22 1.12 1.15 9.10
CA HIS A 22 0.61 -0.06 9.71
C HIS A 22 1.76 -0.95 10.13
N ASP A 23 1.78 -1.27 11.43
CA ASP A 23 2.77 -2.15 12.04
C ASP A 23 4.18 -1.54 11.94
N GLY A 24 4.25 -0.25 11.73
CA GLY A 24 5.53 0.43 11.64
C GLY A 24 5.97 0.68 10.21
N GLU A 25 5.25 0.11 9.26
CA GLU A 25 5.59 0.29 7.86
C GLU A 25 4.63 1.30 7.22
N ALA A 26 5.07 1.90 6.14
CA ALA A 26 4.27 2.89 5.44
C ALA A 26 3.58 2.25 4.25
N TYR A 27 2.39 2.73 3.93
CA TYR A 27 1.63 2.21 2.82
C TYR A 27 1.02 3.33 2.02
N CYS A 28 0.82 3.08 0.73
CA CYS A 28 0.24 4.08 -0.17
C CYS A 28 -1.19 4.42 0.25
N SER A 29 -1.95 3.40 0.58
CA SER A 29 -3.31 3.57 1.00
C SER A 29 -3.65 2.52 2.05
N GLN A 30 -4.87 2.56 2.53
CA GLN A 30 -5.30 1.63 3.55
C GLN A 30 -5.47 0.22 2.99
N ALA A 31 -5.53 0.13 1.66
CA ALA A 31 -5.68 -1.16 1.00
C ALA A 31 -4.51 -2.06 1.32
N CYS A 32 -3.31 -1.63 0.94
CA CYS A 32 -2.10 -2.39 1.21
C CYS A 32 -1.82 -2.47 2.71
N ALA A 33 -2.19 -1.41 3.42
CA ALA A 33 -1.93 -1.29 4.86
C ALA A 33 -2.64 -2.36 5.66
N GLU A 34 -3.92 -2.52 5.38
CA GLU A 34 -4.74 -3.50 6.09
C GLU A 34 -4.58 -4.88 5.48
N GLN A 35 -3.67 -5.00 4.51
CA GLN A 35 -3.41 -6.25 3.79
C GLN A 35 -4.62 -6.66 2.98
N HIS A 36 -5.39 -5.66 2.55
CA HIS A 36 -6.57 -5.85 1.68
C HIS A 36 -7.54 -6.89 2.26
N PRO A 37 -8.19 -6.56 3.40
CA PRO A 37 -9.10 -7.50 4.07
C PRO A 37 -10.35 -7.80 3.24
N ASN A 38 -10.75 -6.86 2.40
CA ASN A 38 -11.94 -7.05 1.58
C ASN A 38 -11.57 -7.42 0.15
N GLY A 39 -10.27 -7.43 -0.13
CA GLY A 39 -9.79 -7.79 -1.45
C GLY A 39 -9.66 -6.60 -2.36
N GLU A 40 -9.88 -5.41 -1.79
CA GLU A 40 -9.80 -4.17 -2.54
C GLU A 40 -8.35 -3.85 -2.91
N PRO A 41 -8.04 -3.76 -4.22
CA PRO A 41 -6.71 -3.38 -4.69
C PRO A 41 -6.45 -1.89 -4.42
N CYS A 42 -5.21 -1.49 -4.47
CA CYS A 42 -4.82 -0.12 -4.21
C CYS A 42 -4.86 0.72 -5.49
N PRO A 43 -4.85 2.07 -5.38
CA PRO A 43 -4.85 2.97 -6.53
C PRO A 43 -3.47 3.12 -7.20
N ALA A 44 -2.68 2.03 -7.18
CA ALA A 44 -1.36 2.03 -7.81
C ALA A 44 -1.49 2.15 -9.34
N PRO A 45 -0.40 2.57 -10.05
CA PRO A 45 -0.42 2.74 -11.51
C PRO A 45 -1.00 1.53 -12.24
N ASP A 46 -0.34 0.39 -12.13
CA ASP A 46 -0.83 -0.83 -12.75
C ASP A 46 -1.14 -1.86 -11.69
N CYS A 47 -0.66 -1.60 -10.47
CA CYS A 47 -0.94 -2.44 -9.31
C CYS A 47 -0.49 -3.91 -9.54
N HIS A 48 -0.86 -4.80 -8.61
CA HIS A 48 -0.54 -6.22 -8.73
C HIS A 48 -1.17 -7.04 -7.59
N CYS A 49 -1.31 -6.43 -6.43
CA CYS A 49 -1.81 -7.14 -5.25
C CYS A 49 -3.33 -7.34 -5.27
N GLU A 50 -3.76 -8.44 -5.87
CA GLU A 50 -5.17 -8.81 -5.85
C GLU A 50 -5.38 -9.92 -4.82
N ARG A 51 -4.29 -10.60 -4.49
CA ARG A 51 -4.29 -11.69 -3.54
C ARG A 51 -3.99 -11.18 -2.13
N SER A 52 -4.88 -11.49 -1.21
CA SER A 52 -4.72 -11.08 0.17
C SER A 52 -5.49 -12.01 1.11
N ASN A 1 15.66 7.91 1.86
CA ASN A 1 14.46 8.76 2.16
C ASN A 1 13.30 8.40 1.24
N GLU A 2 13.53 7.39 0.40
CA GLU A 2 12.50 6.92 -0.52
C GLU A 2 11.32 6.36 0.24
N LEU A 3 10.14 6.62 -0.25
CA LEU A 3 8.94 6.17 0.42
C LEU A 3 8.22 5.15 -0.45
N ARG A 4 8.18 3.92 0.01
CA ARG A 4 7.53 2.84 -0.73
C ARG A 4 6.40 2.25 0.07
N CYS A 5 5.54 1.48 -0.57
CA CYS A 5 4.45 0.83 0.12
C CYS A 5 4.96 -0.43 0.81
N GLY A 6 4.47 -0.65 2.01
CA GLY A 6 4.88 -1.80 2.79
C GLY A 6 4.43 -3.11 2.22
N CYS A 7 3.43 -3.05 1.36
CA CYS A 7 2.89 -4.25 0.73
C CYS A 7 3.98 -5.02 -0.01
N PRO A 8 4.34 -6.22 0.50
CA PRO A 8 5.36 -7.05 -0.14
C PRO A 8 4.96 -7.51 -1.53
N ASP A 9 3.67 -7.42 -1.82
CA ASP A 9 3.14 -7.87 -3.10
C ASP A 9 2.94 -6.73 -4.06
N CYS A 10 3.05 -5.49 -3.59
CA CYS A 10 2.76 -4.36 -4.46
C CYS A 10 3.72 -3.19 -4.23
N HIS A 11 4.01 -2.47 -5.28
CA HIS A 11 4.83 -1.28 -5.20
C HIS A 11 4.03 -0.10 -5.66
N CYS A 12 3.46 0.59 -4.72
CA CYS A 12 2.57 1.70 -5.01
C CYS A 12 3.26 3.03 -4.83
N LYS A 13 2.74 4.06 -5.47
CA LYS A 13 3.26 5.39 -5.31
C LYS A 13 2.73 5.99 -4.01
N VAL A 14 3.57 6.05 -3.02
CA VAL A 14 3.16 6.53 -1.72
C VAL A 14 3.34 8.02 -1.61
N ASP A 15 2.33 8.68 -1.08
CA ASP A 15 2.35 10.11 -0.91
C ASP A 15 2.61 10.45 0.54
N PRO A 16 3.58 11.34 0.82
CA PRO A 16 3.90 11.75 2.19
C PRO A 16 2.72 12.39 2.92
N GLU A 17 1.79 12.94 2.15
CA GLU A 17 0.62 13.60 2.70
C GLU A 17 -0.52 12.58 2.87
N ARG A 18 -0.51 11.54 2.06
CA ARG A 18 -1.54 10.52 2.11
C ARG A 18 -0.93 9.14 2.31
N VAL A 19 -0.19 8.97 3.39
CA VAL A 19 0.44 7.70 3.68
C VAL A 19 -0.12 7.08 4.95
N PHE A 20 -0.53 5.84 4.84
CA PHE A 20 -1.07 5.11 5.97
C PHE A 20 0.04 4.41 6.72
N ASN A 21 0.35 4.90 7.89
CA ASN A 21 1.40 4.31 8.70
C ASN A 21 0.79 3.20 9.55
N HIS A 22 1.27 2.00 9.37
CA HIS A 22 0.78 0.87 10.10
C HIS A 22 1.94 -0.03 10.50
N ASP A 23 2.02 -0.34 11.79
CA ASP A 23 3.08 -1.21 12.34
C ASP A 23 4.45 -0.55 12.16
N GLY A 24 4.43 0.78 12.06
CA GLY A 24 5.65 1.53 11.87
C GLY A 24 6.09 1.56 10.41
N GLU A 25 5.31 0.94 9.56
CA GLU A 25 5.61 0.88 8.14
C GLU A 25 4.71 1.83 7.38
N ALA A 26 5.17 2.26 6.22
CA ALA A 26 4.42 3.20 5.41
C ALA A 26 3.67 2.46 4.32
N TYR A 27 2.44 2.89 4.07
CA TYR A 27 1.62 2.27 3.06
C TYR A 27 0.92 3.33 2.24
N CYS A 28 0.61 3.01 1.00
CA CYS A 28 -0.06 3.94 0.12
C CYS A 28 -1.46 4.25 0.62
N SER A 29 -2.17 3.21 1.05
CA SER A 29 -3.52 3.33 1.50
C SER A 29 -3.79 2.33 2.62
N GLN A 30 -4.99 2.38 3.18
CA GLN A 30 -5.37 1.48 4.25
C GLN A 30 -5.52 0.04 3.76
N ALA A 31 -5.59 -0.13 2.43
CA ALA A 31 -5.73 -1.45 1.85
C ALA A 31 -4.47 -2.26 2.09
N CYS A 32 -3.36 -1.78 1.59
CA CYS A 32 -2.09 -2.46 1.77
C CYS A 32 -1.64 -2.40 3.23
N ALA A 33 -2.11 -1.36 3.93
CA ALA A 33 -1.70 -1.10 5.33
C ALA A 33 -2.07 -2.24 6.25
N GLU A 34 -3.29 -2.73 6.13
CA GLU A 34 -3.77 -3.80 7.00
C GLU A 34 -3.73 -5.14 6.28
N GLN A 35 -2.96 -5.19 5.20
CA GLN A 35 -2.80 -6.42 4.41
C GLN A 35 -4.09 -6.81 3.74
N HIS A 36 -4.92 -5.80 3.47
CA HIS A 36 -6.20 -5.97 2.79
C HIS A 36 -7.13 -6.87 3.60
N PRO A 37 -7.86 -6.30 4.56
CA PRO A 37 -8.76 -7.07 5.44
C PRO A 37 -9.89 -7.72 4.66
N ASN A 38 -10.37 -7.03 3.64
CA ASN A 38 -11.46 -7.53 2.82
C ASN A 38 -10.95 -8.05 1.49
N GLY A 39 -9.80 -7.54 1.08
CA GLY A 39 -9.25 -7.93 -0.20
C GLY A 39 -9.47 -6.85 -1.22
N GLU A 40 -9.50 -5.63 -0.75
CA GLU A 40 -9.70 -4.48 -1.60
C GLU A 40 -8.39 -4.06 -2.26
N PRO A 41 -8.40 -3.90 -3.59
CA PRO A 41 -7.23 -3.42 -4.33
C PRO A 41 -6.86 -1.99 -3.95
N CYS A 42 -5.58 -1.69 -3.98
CA CYS A 42 -5.09 -0.37 -3.62
C CYS A 42 -5.09 0.55 -4.85
N PRO A 43 -4.97 1.89 -4.66
CA PRO A 43 -4.95 2.86 -5.78
C PRO A 43 -3.61 2.90 -6.53
N ALA A 44 -2.91 1.78 -6.58
CA ALA A 44 -1.64 1.70 -7.28
C ALA A 44 -1.87 1.58 -8.79
N PRO A 45 -1.08 2.28 -9.61
CA PRO A 45 -1.21 2.25 -11.07
C PRO A 45 -1.02 0.85 -11.64
N ASP A 46 0.16 0.29 -11.45
CA ASP A 46 0.49 -1.05 -11.96
C ASP A 46 0.23 -2.09 -10.87
N CYS A 47 -0.70 -1.75 -9.96
CA CYS A 47 -1.10 -2.57 -8.80
C CYS A 47 -0.78 -4.05 -8.99
N HIS A 48 0.15 -4.54 -8.20
CA HIS A 48 0.62 -5.91 -8.33
C HIS A 48 -0.04 -6.85 -7.33
N CYS A 49 -0.66 -6.30 -6.30
CA CYS A 49 -1.32 -7.13 -5.30
C CYS A 49 -2.80 -7.29 -5.60
N GLU A 50 -3.39 -8.34 -5.02
CA GLU A 50 -4.82 -8.60 -5.13
C GLU A 50 -5.26 -8.80 -6.58
N ARG A 51 -4.34 -9.25 -7.38
CA ARG A 51 -4.59 -9.48 -8.79
C ARG A 51 -5.41 -10.72 -9.00
N SER A 52 -5.98 -10.84 -10.17
CA SER A 52 -6.80 -11.97 -10.50
C SER A 52 -5.93 -13.20 -10.83
N ASN A 1 12.19 11.93 -1.24
CA ASN A 1 11.28 10.89 -0.69
C ASN A 1 11.74 9.49 -1.09
N GLU A 2 11.73 8.58 -0.13
CA GLU A 2 12.09 7.19 -0.39
C GLU A 2 11.10 6.27 0.28
N LEU A 3 10.01 6.84 0.77
CA LEU A 3 8.99 6.09 1.46
C LEU A 3 8.27 5.17 0.49
N ARG A 4 8.39 3.88 0.71
CA ARG A 4 7.81 2.89 -0.17
C ARG A 4 6.58 2.27 0.44
N CYS A 5 5.81 1.58 -0.38
CA CYS A 5 4.63 0.90 0.07
C CYS A 5 5.01 -0.39 0.79
N GLY A 6 4.36 -0.65 1.91
CA GLY A 6 4.66 -1.83 2.70
C GLY A 6 4.35 -3.11 1.99
N CYS A 7 3.40 -3.05 1.08
CA CYS A 7 3.01 -4.22 0.31
C CYS A 7 4.20 -4.74 -0.48
N PRO A 8 4.69 -5.93 -0.13
CA PRO A 8 5.85 -6.52 -0.78
C PRO A 8 5.50 -7.14 -2.12
N ASP A 9 4.22 -7.22 -2.41
CA ASP A 9 3.77 -7.81 -3.64
C ASP A 9 3.39 -6.75 -4.66
N CYS A 10 3.26 -5.52 -4.22
CA CYS A 10 2.87 -4.44 -5.12
C CYS A 10 3.84 -3.29 -5.06
N HIS A 11 3.87 -2.51 -6.13
CA HIS A 11 4.73 -1.35 -6.22
C HIS A 11 3.89 -0.11 -6.41
N CYS A 12 3.67 0.62 -5.34
CA CYS A 12 2.84 1.80 -5.39
C CYS A 12 3.65 3.06 -5.20
N LYS A 13 3.00 4.18 -5.33
CA LYS A 13 3.59 5.46 -5.07
C LYS A 13 3.10 5.98 -3.72
N VAL A 14 4.01 6.20 -2.80
CA VAL A 14 3.62 6.66 -1.48
C VAL A 14 3.96 8.13 -1.31
N ASP A 15 2.99 8.89 -0.84
CA ASP A 15 3.18 10.30 -0.58
C ASP A 15 3.45 10.48 0.90
N PRO A 16 4.45 11.28 1.26
CA PRO A 16 4.79 11.54 2.67
C PRO A 16 3.62 12.11 3.49
N GLU A 17 2.63 12.67 2.81
CA GLU A 17 1.47 13.24 3.48
C GLU A 17 0.27 12.30 3.38
N ARG A 18 0.30 11.41 2.41
CA ARG A 18 -0.80 10.48 2.20
C ARG A 18 -0.31 9.05 2.36
N VAL A 19 0.17 8.76 3.53
CA VAL A 19 0.66 7.44 3.84
C VAL A 19 -0.01 6.87 5.08
N PHE A 20 -0.50 5.66 4.96
CA PHE A 20 -1.13 4.98 6.09
C PHE A 20 -0.10 4.15 6.82
N ASN A 21 0.02 4.39 8.11
CA ASN A 21 0.96 3.67 8.93
C ASN A 21 0.26 2.56 9.68
N HIS A 22 0.66 1.33 9.44
CA HIS A 22 0.07 0.18 10.09
C HIS A 22 1.15 -0.82 10.47
N ASP A 23 1.16 -1.21 11.75
CA ASP A 23 2.13 -2.18 12.28
C ASP A 23 3.55 -1.62 12.21
N GLY A 24 3.65 -0.30 12.12
CA GLY A 24 4.93 0.36 12.03
C GLY A 24 5.40 0.53 10.59
N GLU A 25 4.67 -0.07 9.67
CA GLU A 25 5.03 0.01 8.26
C GLU A 25 4.22 1.11 7.58
N ALA A 26 4.75 1.61 6.50
CA ALA A 26 4.14 2.68 5.74
C ALA A 26 3.50 2.12 4.48
N TYR A 27 2.31 2.56 4.17
CA TYR A 27 1.59 2.09 3.01
C TYR A 27 1.01 3.25 2.23
N CYS A 28 0.81 3.05 0.95
CA CYS A 28 0.21 4.04 0.09
C CYS A 28 -1.24 4.29 0.48
N SER A 29 -1.94 3.22 0.76
CA SER A 29 -3.33 3.27 1.08
C SER A 29 -3.64 2.27 2.17
N GLN A 30 -4.87 2.30 2.67
CA GLN A 30 -5.27 1.36 3.69
C GLN A 30 -5.48 -0.03 3.08
N ALA A 31 -5.52 -0.08 1.76
CA ALA A 31 -5.69 -1.34 1.05
C ALA A 31 -4.51 -2.24 1.33
N CYS A 32 -3.32 -1.79 0.97
CA CYS A 32 -2.11 -2.54 1.21
C CYS A 32 -1.80 -2.62 2.70
N ALA A 33 -2.23 -1.59 3.42
CA ALA A 33 -1.97 -1.47 4.86
C ALA A 33 -2.65 -2.57 5.64
N GLU A 34 -3.91 -2.78 5.37
CA GLU A 34 -4.71 -3.78 6.06
C GLU A 34 -4.55 -5.15 5.39
N GLN A 35 -3.61 -5.24 4.46
CA GLN A 35 -3.32 -6.49 3.72
C GLN A 35 -4.54 -6.91 2.89
N HIS A 36 -5.36 -5.92 2.53
CA HIS A 36 -6.55 -6.10 1.69
C HIS A 36 -7.50 -7.15 2.29
N PRO A 37 -8.19 -6.80 3.38
CA PRO A 37 -9.12 -7.71 4.05
C PRO A 37 -10.47 -7.79 3.34
N ASN A 38 -10.82 -6.73 2.63
CA ASN A 38 -12.09 -6.67 1.92
C ASN A 38 -11.88 -6.81 0.41
N GLY A 39 -10.63 -7.02 0.02
CA GLY A 39 -10.31 -7.13 -1.39
C GLY A 39 -10.16 -5.77 -2.03
N GLU A 40 -9.97 -4.77 -1.19
CA GLU A 40 -9.83 -3.40 -1.63
C GLU A 40 -8.55 -3.21 -2.46
N PRO A 41 -8.68 -2.79 -3.73
CA PRO A 41 -7.53 -2.53 -4.59
C PRO A 41 -6.89 -1.17 -4.30
N CYS A 42 -5.57 -1.13 -4.28
CA CYS A 42 -4.84 0.10 -4.01
C CYS A 42 -4.78 0.98 -5.26
N PRO A 43 -4.64 2.31 -5.09
CA PRO A 43 -4.58 3.27 -6.22
C PRO A 43 -3.20 3.29 -6.91
N ALA A 44 -2.53 2.15 -6.93
CA ALA A 44 -1.23 2.02 -7.57
C ALA A 44 -1.33 2.24 -9.08
N PRO A 45 -0.21 2.68 -9.72
CA PRO A 45 -0.16 2.91 -11.18
C PRO A 45 -0.76 1.75 -11.98
N ASP A 46 -0.17 0.58 -11.83
CA ASP A 46 -0.67 -0.61 -12.51
C ASP A 46 -1.06 -1.68 -11.52
N CYS A 47 -0.66 -1.48 -10.26
CA CYS A 47 -0.95 -2.42 -9.18
C CYS A 47 -0.33 -3.80 -9.46
N HIS A 48 -0.45 -4.70 -8.51
CA HIS A 48 0.07 -6.05 -8.66
C HIS A 48 -0.53 -6.98 -7.63
N CYS A 49 -0.72 -6.47 -6.42
CA CYS A 49 -1.24 -7.28 -5.32
C CYS A 49 -2.71 -7.67 -5.52
N GLU A 50 -2.93 -8.69 -6.31
CA GLU A 50 -4.27 -9.21 -6.54
C GLU A 50 -4.56 -10.23 -5.45
N ARG A 51 -3.49 -10.86 -4.99
CA ARG A 51 -3.57 -11.81 -3.94
C ARG A 51 -3.33 -11.07 -2.67
N SER A 52 -3.87 -11.58 -1.59
CA SER A 52 -3.72 -10.96 -0.31
C SER A 52 -4.22 -9.52 -0.36
N ASN A 1 15.01 8.30 -1.09
CA ASN A 1 14.22 8.97 -0.03
C ASN A 1 12.73 8.80 -0.29
N GLU A 2 12.40 8.43 -1.53
CA GLU A 2 11.01 8.24 -1.93
C GLU A 2 10.35 7.17 -1.08
N LEU A 3 9.25 7.54 -0.44
CA LEU A 3 8.52 6.64 0.43
C LEU A 3 7.71 5.66 -0.41
N ARG A 4 8.04 4.39 -0.30
CA ARG A 4 7.36 3.35 -1.05
C ARG A 4 6.39 2.59 -0.16
N CYS A 5 5.44 1.91 -0.78
CA CYS A 5 4.43 1.18 -0.03
C CYS A 5 5.03 -0.01 0.70
N GLY A 6 4.35 -0.46 1.76
CA GLY A 6 4.84 -1.54 2.56
C GLY A 6 4.37 -2.87 2.06
N CYS A 7 3.48 -2.84 1.11
CA CYS A 7 2.96 -4.04 0.52
C CYS A 7 4.08 -4.80 -0.17
N PRO A 8 4.47 -5.97 0.38
CA PRO A 8 5.58 -6.76 -0.15
C PRO A 8 5.29 -7.41 -1.50
N ASP A 9 4.06 -7.28 -1.96
CA ASP A 9 3.68 -7.85 -3.24
C ASP A 9 3.44 -6.76 -4.29
N CYS A 10 3.39 -5.51 -3.84
CA CYS A 10 3.07 -4.43 -4.75
C CYS A 10 4.06 -3.27 -4.64
N HIS A 11 4.11 -2.46 -5.68
CA HIS A 11 4.98 -1.30 -5.72
C HIS A 11 4.17 -0.03 -5.91
N CYS A 12 3.87 0.65 -4.82
CA CYS A 12 3.10 1.89 -4.89
C CYS A 12 3.93 3.05 -4.38
N LYS A 13 3.72 4.21 -4.97
CA LYS A 13 4.33 5.41 -4.48
C LYS A 13 3.55 5.93 -3.29
N VAL A 14 4.23 6.34 -2.26
CA VAL A 14 3.57 6.79 -1.06
C VAL A 14 3.79 8.26 -0.81
N ASP A 15 2.72 8.95 -0.50
CA ASP A 15 2.76 10.36 -0.18
C ASP A 15 2.88 10.52 1.33
N PRO A 16 3.88 11.27 1.81
CA PRO A 16 4.11 11.46 3.26
C PRO A 16 2.93 12.11 3.98
N GLU A 17 2.02 12.70 3.24
CA GLU A 17 0.85 13.33 3.82
C GLU A 17 -0.35 12.38 3.80
N ARG A 18 -0.38 11.48 2.82
CA ARG A 18 -1.51 10.58 2.66
C ARG A 18 -1.14 9.14 2.98
N VAL A 19 -0.04 8.99 3.66
CA VAL A 19 0.49 7.68 3.99
C VAL A 19 -0.27 7.02 5.14
N PHE A 20 -0.61 5.76 4.94
CA PHE A 20 -1.24 4.96 5.97
C PHE A 20 -0.19 4.14 6.68
N ASN A 21 0.06 4.46 7.93
CA ASN A 21 1.04 3.73 8.70
C ASN A 21 0.40 2.52 9.35
N HIS A 22 1.07 1.39 9.22
CA HIS A 22 0.59 0.15 9.79
C HIS A 22 1.77 -0.77 10.08
N ASP A 23 1.86 -1.23 11.32
CA ASP A 23 2.92 -2.14 11.75
C ASP A 23 4.30 -1.45 11.69
N GLY A 24 4.28 -0.13 11.72
CA GLY A 24 5.52 0.63 11.63
C GLY A 24 5.98 0.79 10.20
N GLU A 25 5.13 0.39 9.27
CA GLU A 25 5.43 0.47 7.86
C GLU A 25 4.54 1.54 7.22
N ALA A 26 4.96 2.03 6.08
CA ALA A 26 4.24 3.07 5.36
C ALA A 26 3.54 2.50 4.15
N TYR A 27 2.28 2.81 4.00
CA TYR A 27 1.49 2.30 2.88
C TYR A 27 0.87 3.44 2.10
N CYS A 28 0.54 3.16 0.85
CA CYS A 28 -0.06 4.15 -0.03
C CYS A 28 -1.50 4.41 0.37
N SER A 29 -2.22 3.35 0.66
CA SER A 29 -3.60 3.44 1.02
C SER A 29 -3.96 2.36 2.05
N GLN A 30 -5.23 2.30 2.38
CA GLN A 30 -5.74 1.38 3.37
C GLN A 30 -5.63 -0.08 2.93
N ALA A 31 -5.96 -0.36 1.66
CA ALA A 31 -5.94 -1.73 1.12
C ALA A 31 -4.64 -2.47 1.45
N CYS A 32 -3.52 -1.93 1.02
CA CYS A 32 -2.22 -2.56 1.26
C CYS A 32 -1.91 -2.65 2.75
N ALA A 33 -2.30 -1.61 3.48
CA ALA A 33 -2.02 -1.52 4.91
C ALA A 33 -2.76 -2.61 5.68
N GLU A 34 -3.98 -2.90 5.26
CA GLU A 34 -4.81 -3.89 5.91
C GLU A 34 -4.56 -5.29 5.34
N GLN A 35 -3.59 -5.38 4.44
CA GLN A 35 -3.24 -6.65 3.78
C GLN A 35 -4.37 -7.14 2.88
N HIS A 36 -5.23 -6.19 2.48
CA HIS A 36 -6.35 -6.46 1.55
C HIS A 36 -7.30 -7.51 2.09
N PRO A 37 -8.11 -7.16 3.10
CA PRO A 37 -9.04 -8.09 3.73
C PRO A 37 -10.30 -8.30 2.91
N ASN A 38 -10.57 -7.37 2.00
CA ASN A 38 -11.78 -7.44 1.18
C ASN A 38 -11.44 -7.61 -0.29
N GLY A 39 -10.16 -7.71 -0.60
CA GLY A 39 -9.73 -7.85 -1.97
C GLY A 39 -9.68 -6.53 -2.68
N GLU A 40 -9.56 -5.47 -1.91
CA GLU A 40 -9.53 -4.11 -2.45
C GLU A 40 -8.19 -3.84 -3.13
N PRO A 41 -8.22 -3.30 -4.34
CA PRO A 41 -7.00 -2.91 -5.05
C PRO A 41 -6.52 -1.53 -4.59
N CYS A 42 -5.22 -1.32 -4.63
CA CYS A 42 -4.66 -0.04 -4.21
C CYS A 42 -4.54 0.91 -5.39
N PRO A 43 -4.52 2.23 -5.14
CA PRO A 43 -4.38 3.26 -6.20
C PRO A 43 -2.96 3.34 -6.77
N ALA A 44 -2.29 2.21 -6.88
CA ALA A 44 -0.94 2.17 -7.44
C ALA A 44 -0.98 1.96 -8.94
N PRO A 45 -0.11 2.67 -9.68
CA PRO A 45 -0.02 2.53 -11.14
C PRO A 45 0.68 1.23 -11.54
N ASP A 46 1.48 0.69 -10.64
CA ASP A 46 2.22 -0.53 -10.87
C ASP A 46 1.71 -1.63 -9.93
N CYS A 47 0.43 -1.52 -9.59
CA CYS A 47 -0.21 -2.46 -8.68
C CYS A 47 -0.06 -3.91 -9.12
N HIS A 48 0.19 -4.77 -8.17
CA HIS A 48 0.35 -6.19 -8.43
C HIS A 48 -0.57 -7.01 -7.50
N CYS A 49 -1.07 -6.37 -6.48
CA CYS A 49 -1.88 -7.03 -5.49
C CYS A 49 -3.38 -6.83 -5.74
N GLU A 50 -4.18 -7.67 -5.13
CA GLU A 50 -5.63 -7.58 -5.23
C GLU A 50 -6.27 -8.65 -4.35
N ARG A 51 -5.98 -9.89 -4.68
CA ARG A 51 -6.52 -11.03 -3.96
C ARG A 51 -5.67 -11.36 -2.74
N SER A 52 -6.32 -11.61 -1.63
CA SER A 52 -5.64 -11.96 -0.39
C SER A 52 -6.58 -12.71 0.54
N ASN A 1 10.59 9.95 -1.54
CA ASN A 1 11.50 9.34 -2.54
C ASN A 1 12.06 8.01 -2.03
N GLU A 2 12.11 7.86 -0.72
CA GLU A 2 12.59 6.63 -0.11
C GLU A 2 11.45 5.93 0.60
N LEU A 3 10.26 6.49 0.49
CA LEU A 3 9.09 5.95 1.13
C LEU A 3 8.27 5.14 0.12
N ARG A 4 8.20 3.85 0.34
CA ARG A 4 7.47 2.97 -0.56
C ARG A 4 6.35 2.26 0.17
N CYS A 5 5.46 1.64 -0.58
CA CYS A 5 4.34 0.92 -0.02
C CYS A 5 4.82 -0.39 0.61
N GLY A 6 4.20 -0.75 1.73
CA GLY A 6 4.59 -1.95 2.45
C GLY A 6 4.01 -3.20 1.87
N CYS A 7 3.18 -3.04 0.89
CA CYS A 7 2.57 -4.17 0.24
C CYS A 7 3.63 -4.99 -0.49
N PRO A 8 3.86 -6.23 -0.06
CA PRO A 8 4.86 -7.11 -0.66
C PRO A 8 4.49 -7.54 -2.09
N ASP A 9 3.24 -7.31 -2.46
CA ASP A 9 2.76 -7.69 -3.77
C ASP A 9 2.51 -6.49 -4.66
N CYS A 10 2.84 -5.30 -4.19
CA CYS A 10 2.58 -4.10 -4.96
C CYS A 10 3.57 -2.99 -4.60
N HIS A 11 3.92 -2.17 -5.56
CA HIS A 11 4.82 -1.06 -5.33
C HIS A 11 4.13 0.26 -5.64
N CYS A 12 3.60 0.89 -4.63
CA CYS A 12 2.85 2.11 -4.79
C CYS A 12 3.63 3.30 -4.27
N LYS A 13 3.35 4.47 -4.83
CA LYS A 13 3.92 5.68 -4.40
C LYS A 13 3.31 6.07 -3.07
N VAL A 14 4.15 6.37 -2.11
CA VAL A 14 3.67 6.76 -0.81
C VAL A 14 4.06 8.19 -0.51
N ASP A 15 3.07 9.00 -0.20
CA ASP A 15 3.30 10.40 0.11
C ASP A 15 3.35 10.59 1.61
N PRO A 16 4.29 11.41 2.11
CA PRO A 16 4.40 11.69 3.56
C PRO A 16 3.11 12.28 4.16
N GLU A 17 2.26 12.84 3.31
CA GLU A 17 0.99 13.39 3.75
C GLU A 17 -0.13 12.38 3.57
N ARG A 18 0.04 11.48 2.62
CA ARG A 18 -0.96 10.49 2.31
C ARG A 18 -0.40 9.09 2.50
N VAL A 19 0.02 8.81 3.71
CA VAL A 19 0.57 7.52 4.05
C VAL A 19 -0.17 6.89 5.22
N PHE A 20 -0.60 5.67 5.04
CA PHE A 20 -1.21 4.93 6.12
C PHE A 20 -0.19 4.02 6.74
N ASN A 21 0.23 4.36 7.93
CA ASN A 21 1.26 3.60 8.62
C ASN A 21 0.63 2.50 9.47
N HIS A 22 1.24 1.34 9.45
CA HIS A 22 0.77 0.23 10.23
C HIS A 22 1.92 -0.67 10.66
N ASP A 23 2.07 -0.85 11.97
CA ASP A 23 3.09 -1.73 12.56
C ASP A 23 4.52 -1.25 12.21
N GLY A 24 4.65 0.03 11.93
CA GLY A 24 5.96 0.57 11.60
C GLY A 24 6.20 0.67 10.12
N GLU A 25 5.35 0.01 9.35
CA GLU A 25 5.48 0.02 7.90
C GLU A 25 4.55 1.08 7.31
N ALA A 26 4.90 1.58 6.16
CA ALA A 26 4.14 2.63 5.52
C ALA A 26 3.43 2.12 4.28
N TYR A 27 2.23 2.59 4.04
CA TYR A 27 1.45 2.16 2.90
C TYR A 27 0.88 3.35 2.18
N CYS A 28 0.59 3.17 0.89
CA CYS A 28 0.04 4.24 0.08
C CYS A 28 -1.40 4.54 0.48
N SER A 29 -2.13 3.49 0.79
CA SER A 29 -3.51 3.60 1.13
C SER A 29 -3.89 2.59 2.19
N GLN A 30 -5.14 2.63 2.62
CA GLN A 30 -5.62 1.70 3.62
C GLN A 30 -5.79 0.30 3.04
N ALA A 31 -5.84 0.21 1.71
CA ALA A 31 -6.00 -1.07 1.05
C ALA A 31 -4.80 -1.96 1.31
N CYS A 32 -3.64 -1.48 0.90
CA CYS A 32 -2.40 -2.22 1.10
C CYS A 32 -2.05 -2.33 2.58
N ALA A 33 -2.48 -1.34 3.37
CA ALA A 33 -2.17 -1.29 4.81
C ALA A 33 -2.90 -2.38 5.56
N GLU A 34 -4.17 -2.54 5.26
CA GLU A 34 -4.99 -3.55 5.91
C GLU A 34 -4.81 -4.91 5.26
N GLN A 35 -3.89 -4.96 4.31
CA GLN A 35 -3.55 -6.19 3.58
C GLN A 35 -4.72 -6.70 2.75
N HIS A 36 -5.58 -5.76 2.38
CA HIS A 36 -6.76 -6.01 1.53
C HIS A 36 -7.66 -7.11 2.12
N PRO A 37 -8.41 -6.78 3.18
CA PRO A 37 -9.31 -7.72 3.83
C PRO A 37 -10.65 -7.84 3.10
N ASN A 38 -10.94 -6.88 2.24
CA ASN A 38 -12.21 -6.90 1.51
C ASN A 38 -11.96 -7.00 0.01
N GLY A 39 -10.76 -6.66 -0.40
CA GLY A 39 -10.42 -6.70 -1.80
C GLY A 39 -10.43 -5.33 -2.40
N GLU A 40 -10.13 -4.35 -1.57
CA GLU A 40 -10.09 -2.97 -1.99
C GLU A 40 -8.77 -2.67 -2.70
N PRO A 41 -8.84 -1.99 -3.85
CA PRO A 41 -7.66 -1.65 -4.63
C PRO A 41 -6.92 -0.41 -4.09
N CYS A 42 -5.63 -0.35 -4.39
CA CYS A 42 -4.80 0.76 -3.97
C CYS A 42 -4.66 1.74 -5.15
N PRO A 43 -4.35 3.03 -4.86
CA PRO A 43 -4.21 4.08 -5.89
C PRO A 43 -2.92 3.95 -6.72
N ALA A 44 -2.38 2.75 -6.81
CA ALA A 44 -1.18 2.53 -7.58
C ALA A 44 -1.51 2.31 -9.05
N PRO A 45 -0.84 3.04 -9.94
CA PRO A 45 -1.03 2.91 -11.39
C PRO A 45 -0.52 1.57 -11.91
N ASP A 46 0.49 1.04 -11.23
CA ASP A 46 1.09 -0.23 -11.61
C ASP A 46 0.73 -1.30 -10.58
N CYS A 47 -0.45 -1.16 -9.99
CA CYS A 47 -0.96 -2.09 -9.00
C CYS A 47 -0.93 -3.53 -9.49
N HIS A 48 -0.40 -4.42 -8.66
CA HIS A 48 -0.30 -5.83 -9.00
C HIS A 48 -0.66 -6.70 -7.80
N CYS A 49 -1.42 -6.13 -6.86
CA CYS A 49 -1.84 -6.85 -5.65
C CYS A 49 -2.55 -8.15 -6.00
N GLU A 50 -1.92 -9.26 -5.65
CA GLU A 50 -2.51 -10.56 -5.87
C GLU A 50 -2.04 -11.55 -4.82
N ARG A 51 -2.64 -11.49 -3.66
CA ARG A 51 -2.37 -12.42 -2.64
C ARG A 51 -3.43 -13.49 -2.73
N SER A 52 -3.14 -14.64 -2.19
CA SER A 52 -4.06 -15.76 -2.21
C SER A 52 -4.25 -16.33 -3.62
N ASN A 1 9.55 11.54 0.99
CA ASN A 1 10.41 11.18 -0.17
C ASN A 1 10.99 9.78 -0.01
N GLU A 2 11.03 9.04 -1.11
CA GLU A 2 11.56 7.65 -1.14
C GLU A 2 10.76 6.74 -0.23
N LEU A 3 9.50 7.05 -0.03
CA LEU A 3 8.65 6.24 0.80
C LEU A 3 7.92 5.22 -0.07
N ARG A 4 8.25 3.95 0.11
CA ARG A 4 7.68 2.89 -0.69
C ARG A 4 6.54 2.22 0.04
N CYS A 5 5.68 1.55 -0.72
CA CYS A 5 4.53 0.88 -0.15
C CYS A 5 4.96 -0.37 0.61
N GLY A 6 4.30 -0.62 1.73
CA GLY A 6 4.63 -1.76 2.55
C GLY A 6 4.26 -3.06 1.94
N CYS A 7 3.36 -3.01 0.99
CA CYS A 7 2.91 -4.20 0.30
C CYS A 7 4.09 -4.89 -0.39
N PRO A 8 4.47 -6.08 0.09
CA PRO A 8 5.61 -6.82 -0.46
C PRO A 8 5.37 -7.31 -1.89
N ASP A 9 4.11 -7.42 -2.26
CA ASP A 9 3.77 -7.94 -3.57
C ASP A 9 3.44 -6.82 -4.56
N CYS A 10 3.31 -5.59 -4.07
CA CYS A 10 2.95 -4.48 -4.94
C CYS A 10 3.87 -3.29 -4.74
N HIS A 11 4.06 -2.49 -5.77
CA HIS A 11 4.93 -1.34 -5.69
C HIS A 11 4.16 -0.06 -5.98
N CYS A 12 3.72 0.61 -4.93
CA CYS A 12 2.94 1.81 -5.07
C CYS A 12 3.69 3.00 -4.49
N LYS A 13 3.36 4.20 -4.95
CA LYS A 13 3.96 5.41 -4.43
C LYS A 13 3.30 5.80 -3.11
N VAL A 14 4.09 6.29 -2.17
CA VAL A 14 3.56 6.66 -0.87
C VAL A 14 3.87 8.11 -0.56
N ASP A 15 2.89 8.82 0.00
CA ASP A 15 3.07 10.21 0.38
C ASP A 15 3.44 10.29 1.84
N PRO A 16 4.50 11.03 2.19
CA PRO A 16 4.98 11.15 3.57
C PRO A 16 3.94 11.71 4.55
N GLU A 17 2.98 12.44 4.04
CA GLU A 17 1.95 13.02 4.89
C GLU A 17 0.64 12.23 4.79
N ARG A 18 0.44 11.62 3.65
CA ARG A 18 -0.83 10.92 3.38
C ARG A 18 -0.60 9.42 3.33
N VAL A 19 0.29 8.99 4.19
CA VAL A 19 0.65 7.60 4.29
C VAL A 19 -0.13 6.89 5.38
N PHE A 20 -0.59 5.68 5.10
CA PHE A 20 -1.23 4.86 6.10
C PHE A 20 -0.19 4.03 6.80
N ASN A 21 0.09 4.37 8.03
CA ASN A 21 1.12 3.69 8.79
C ASN A 21 0.55 2.58 9.64
N HIS A 22 0.98 1.37 9.38
CA HIS A 22 0.54 0.23 10.15
C HIS A 22 1.74 -0.60 10.59
N ASP A 23 1.83 -0.83 11.91
CA ASP A 23 2.93 -1.60 12.52
C ASP A 23 4.27 -0.90 12.29
N GLY A 24 4.20 0.38 11.97
CA GLY A 24 5.40 1.14 11.73
C GLY A 24 5.80 1.13 10.27
N GLU A 25 5.06 0.41 9.45
CA GLU A 25 5.34 0.35 8.03
C GLU A 25 4.47 1.34 7.29
N ALA A 26 4.97 1.83 6.19
CA ALA A 26 4.30 2.84 5.40
C ALA A 26 3.62 2.23 4.19
N TYR A 27 2.36 2.58 3.97
CA TYR A 27 1.60 2.05 2.85
C TYR A 27 1.01 3.19 2.03
N CYS A 28 0.79 2.93 0.75
CA CYS A 28 0.22 3.94 -0.14
C CYS A 28 -1.21 4.24 0.24
N SER A 29 -1.95 3.19 0.52
CA SER A 29 -3.33 3.31 0.86
C SER A 29 -3.67 2.36 1.98
N GLN A 30 -4.90 2.40 2.43
CA GLN A 30 -5.35 1.52 3.47
C GLN A 30 -5.55 0.11 2.93
N ALA A 31 -5.58 -0.02 1.61
CA ALA A 31 -5.76 -1.30 0.97
C ALA A 31 -4.58 -2.20 1.26
N CYS A 32 -3.41 -1.76 0.85
CA CYS A 32 -2.18 -2.50 1.06
C CYS A 32 -1.83 -2.56 2.55
N ALA A 33 -2.28 -1.55 3.29
CA ALA A 33 -1.98 -1.44 4.73
C ALA A 33 -2.72 -2.51 5.53
N GLU A 34 -3.97 -2.69 5.19
CA GLU A 34 -4.82 -3.66 5.89
C GLU A 34 -4.71 -5.04 5.27
N GLN A 35 -3.74 -5.19 4.37
CA GLN A 35 -3.48 -6.46 3.69
C GLN A 35 -4.69 -6.88 2.84
N HIS A 36 -5.49 -5.87 2.47
CA HIS A 36 -6.68 -6.04 1.61
C HIS A 36 -7.67 -7.05 2.19
N PRO A 37 -8.40 -6.66 3.25
CA PRO A 37 -9.37 -7.53 3.91
C PRO A 37 -10.69 -7.63 3.13
N ASN A 38 -10.97 -6.59 2.34
CA ASN A 38 -12.20 -6.56 1.56
C ASN A 38 -11.92 -6.84 0.09
N GLY A 39 -10.65 -6.79 -0.27
CA GLY A 39 -10.27 -7.01 -1.64
C GLY A 39 -10.21 -5.71 -2.39
N GLU A 40 -9.99 -4.64 -1.65
CA GLU A 40 -9.92 -3.31 -2.21
C GLU A 40 -8.57 -3.09 -2.89
N PRO A 41 -8.58 -2.40 -4.03
CA PRO A 41 -7.36 -2.12 -4.78
C PRO A 41 -6.64 -0.87 -4.26
N CYS A 42 -5.38 -0.77 -4.63
CA CYS A 42 -4.55 0.36 -4.25
C CYS A 42 -4.38 1.29 -5.46
N PRO A 43 -4.01 2.57 -5.22
CA PRO A 43 -3.80 3.56 -6.29
C PRO A 43 -2.53 3.30 -7.14
N ALA A 44 -2.17 2.04 -7.30
CA ALA A 44 -1.00 1.67 -8.09
C ALA A 44 -1.33 1.71 -9.59
N PRO A 45 -0.37 2.13 -10.43
CA PRO A 45 -0.56 2.24 -11.88
C PRO A 45 -1.03 0.92 -12.51
N ASP A 46 -0.18 -0.10 -12.49
CA ASP A 46 -0.55 -1.38 -13.06
C ASP A 46 -0.94 -2.34 -11.94
N CYS A 47 -0.64 -1.94 -10.71
CA CYS A 47 -0.91 -2.74 -9.52
C CYS A 47 -0.20 -4.11 -9.59
N HIS A 48 -0.32 -4.90 -8.54
CA HIS A 48 0.30 -6.22 -8.50
C HIS A 48 -0.38 -7.13 -7.49
N CYS A 49 -0.70 -6.59 -6.33
CA CYS A 49 -1.31 -7.38 -5.26
C CYS A 49 -2.75 -7.74 -5.56
N GLU A 50 -2.95 -8.92 -6.08
CA GLU A 50 -4.27 -9.41 -6.39
C GLU A 50 -4.60 -10.54 -5.42
N ARG A 51 -3.58 -11.06 -4.80
CA ARG A 51 -3.67 -12.11 -3.87
C ARG A 51 -4.15 -11.56 -2.56
N SER A 52 -4.60 -12.43 -1.71
CA SER A 52 -5.07 -12.07 -0.41
C SER A 52 -6.34 -11.23 -0.50
N ASN A 1 15.23 7.81 -0.17
CA ASN A 1 14.34 8.07 0.99
C ASN A 1 12.92 8.39 0.51
N GLU A 2 12.62 8.01 -0.72
CA GLU A 2 11.30 8.21 -1.29
C GLU A 2 10.32 7.20 -0.70
N LEU A 3 9.37 7.70 0.07
CA LEU A 3 8.40 6.86 0.77
C LEU A 3 7.67 5.90 -0.17
N ARG A 4 7.90 4.61 0.03
CA ARG A 4 7.29 3.57 -0.79
C ARG A 4 6.31 2.75 0.05
N CYS A 5 5.48 1.97 -0.61
CA CYS A 5 4.47 1.17 0.08
C CYS A 5 5.08 -0.01 0.82
N GLY A 6 4.41 -0.42 1.88
CA GLY A 6 4.88 -1.52 2.70
C GLY A 6 4.66 -2.85 2.06
N CYS A 7 3.66 -2.93 1.19
CA CYS A 7 3.35 -4.18 0.50
C CYS A 7 4.58 -4.69 -0.24
N PRO A 8 5.16 -5.82 0.21
CA PRO A 8 6.37 -6.39 -0.39
C PRO A 8 6.11 -7.05 -1.74
N ASP A 9 4.85 -7.37 -2.00
CA ASP A 9 4.48 -8.02 -3.25
C ASP A 9 4.07 -7.00 -4.29
N CYS A 10 3.78 -5.79 -3.85
CA CYS A 10 3.31 -4.76 -4.75
C CYS A 10 4.21 -3.54 -4.74
N HIS A 11 4.15 -2.76 -5.80
CA HIS A 11 4.95 -1.56 -5.90
C HIS A 11 4.05 -0.34 -6.07
N CYS A 12 3.79 0.35 -4.97
CA CYS A 12 2.96 1.54 -5.00
C CYS A 12 3.78 2.74 -4.60
N LYS A 13 3.31 3.91 -5.00
CA LYS A 13 3.93 5.14 -4.60
C LYS A 13 3.17 5.70 -3.41
N VAL A 14 3.88 6.20 -2.45
CA VAL A 14 3.24 6.72 -1.25
C VAL A 14 3.43 8.21 -1.14
N ASP A 15 2.40 8.89 -0.70
CA ASP A 15 2.43 10.33 -0.55
C ASP A 15 2.68 10.67 0.91
N PRO A 16 3.58 11.61 1.19
CA PRO A 16 3.88 12.04 2.56
C PRO A 16 2.65 12.60 3.26
N GLU A 17 1.67 13.03 2.49
CA GLU A 17 0.45 13.58 3.05
C GLU A 17 -0.63 12.51 3.13
N ARG A 18 -0.54 11.52 2.25
CA ARG A 18 -1.54 10.47 2.18
C ARG A 18 -0.88 9.11 2.33
N VAL A 19 -0.42 8.86 3.53
CA VAL A 19 0.21 7.59 3.85
C VAL A 19 -0.47 6.94 5.05
N PHE A 20 -0.72 5.65 4.93
CA PHE A 20 -1.30 4.89 6.01
C PHE A 20 -0.23 4.08 6.69
N ASN A 21 -0.01 4.36 7.95
CA ASN A 21 1.00 3.66 8.71
C ASN A 21 0.37 2.49 9.46
N HIS A 22 1.08 1.38 9.47
CA HIS A 22 0.62 0.19 10.14
C HIS A 22 1.81 -0.70 10.46
N ASP A 23 1.90 -1.13 11.72
CA ASP A 23 2.98 -2.02 12.18
C ASP A 23 4.35 -1.32 12.07
N GLY A 24 4.32 0.00 12.00
CA GLY A 24 5.54 0.77 11.88
C GLY A 24 5.95 0.97 10.43
N GLU A 25 5.19 0.39 9.52
CA GLU A 25 5.45 0.50 8.11
C GLU A 25 4.49 1.50 7.48
N ALA A 26 4.88 2.03 6.34
CA ALA A 26 4.08 3.02 5.63
C ALA A 26 3.47 2.40 4.39
N TYR A 27 2.24 2.78 4.07
CA TYR A 27 1.53 2.23 2.93
C TYR A 27 0.87 3.32 2.13
N CYS A 28 0.55 3.03 0.87
CA CYS A 28 -0.09 4.00 -0.02
C CYS A 28 -1.53 4.26 0.41
N SER A 29 -2.22 3.20 0.78
CA SER A 29 -3.59 3.30 1.21
C SER A 29 -3.90 2.20 2.22
N GLN A 30 -5.13 2.14 2.70
CA GLN A 30 -5.50 1.18 3.72
C GLN A 30 -5.51 -0.24 3.19
N ALA A 31 -5.59 -0.39 1.87
CA ALA A 31 -5.59 -1.71 1.25
C ALA A 31 -4.35 -2.50 1.61
N CYS A 32 -3.20 -1.98 1.24
CA CYS A 32 -1.94 -2.66 1.54
C CYS A 32 -1.64 -2.61 3.03
N ALA A 33 -2.10 -1.56 3.69
CA ALA A 33 -1.84 -1.35 5.12
C ALA A 33 -2.49 -2.43 5.98
N GLU A 34 -3.74 -2.68 5.71
CA GLU A 34 -4.53 -3.64 6.46
C GLU A 34 -4.36 -5.06 5.91
N GLN A 35 -3.40 -5.22 5.00
CA GLN A 35 -3.13 -6.51 4.37
C GLN A 35 -4.32 -6.97 3.54
N HIS A 36 -5.06 -5.98 3.04
CA HIS A 36 -6.23 -6.21 2.17
C HIS A 36 -7.27 -7.07 2.87
N PRO A 37 -8.04 -6.47 3.79
CA PRO A 37 -9.03 -7.19 4.58
C PRO A 37 -10.28 -7.53 3.78
N ASN A 38 -10.62 -6.68 2.83
CA ASN A 38 -11.79 -6.90 2.00
C ASN A 38 -11.38 -7.55 0.70
N GLY A 39 -10.14 -7.33 0.33
CA GLY A 39 -9.63 -7.86 -0.91
C GLY A 39 -9.59 -6.78 -1.96
N GLU A 40 -9.54 -5.54 -1.49
CA GLU A 40 -9.52 -4.40 -2.34
C GLU A 40 -8.11 -4.13 -2.87
N PRO A 41 -8.01 -3.72 -4.14
CA PRO A 41 -6.74 -3.34 -4.73
C PRO A 41 -6.32 -1.94 -4.30
N CYS A 42 -5.04 -1.70 -4.27
CA CYS A 42 -4.52 -0.42 -3.85
C CYS A 42 -4.52 0.57 -5.03
N PRO A 43 -4.37 1.89 -4.77
CA PRO A 43 -4.34 2.92 -5.82
C PRO A 43 -3.00 2.96 -6.58
N ALA A 44 -2.42 1.81 -6.81
CA ALA A 44 -1.17 1.72 -7.54
C ALA A 44 -1.45 1.34 -8.99
N PRO A 45 -0.93 2.11 -9.95
CA PRO A 45 -1.10 1.84 -11.38
C PRO A 45 -0.44 0.52 -11.79
N ASP A 46 0.64 0.18 -11.11
CA ASP A 46 1.36 -1.05 -11.39
C ASP A 46 1.13 -2.07 -10.27
N CYS A 47 -0.05 -1.99 -9.67
CA CYS A 47 -0.45 -2.88 -8.58
C CYS A 47 -0.24 -4.34 -8.94
N HIS A 48 0.24 -5.10 -7.99
CA HIS A 48 0.47 -6.52 -8.18
C HIS A 48 -0.48 -7.34 -7.31
N CYS A 49 -0.95 -6.73 -6.23
CA CYS A 49 -1.82 -7.40 -5.27
C CYS A 49 -3.29 -7.10 -5.56
N GLU A 50 -3.58 -6.80 -6.84
CA GLU A 50 -4.94 -6.50 -7.29
C GLU A 50 -5.89 -7.60 -6.88
N ARG A 51 -5.44 -8.82 -7.05
CA ARG A 51 -6.22 -9.97 -6.65
C ARG A 51 -5.88 -10.32 -5.21
N SER A 52 -6.88 -10.27 -4.36
CA SER A 52 -6.71 -10.56 -2.95
C SER A 52 -8.06 -10.66 -2.25
N ASN A 1 9.41 9.60 -4.26
CA ASN A 1 9.79 9.54 -2.83
C ASN A 1 10.37 8.18 -2.46
N GLU A 2 11.17 8.15 -1.40
CA GLU A 2 11.79 6.90 -0.95
C GLU A 2 10.79 6.04 -0.19
N LEU A 3 9.72 6.67 0.27
CA LEU A 3 8.69 5.97 1.01
C LEU A 3 7.94 5.01 0.10
N ARG A 4 7.98 3.74 0.46
CA ARG A 4 7.36 2.69 -0.34
C ARG A 4 6.18 2.08 0.38
N CYS A 5 5.37 1.34 -0.34
CA CYS A 5 4.21 0.70 0.23
C CYS A 5 4.57 -0.63 0.89
N GLY A 6 3.85 -0.97 1.94
CA GLY A 6 4.10 -2.20 2.66
C GLY A 6 3.94 -3.42 1.80
N CYS A 7 2.99 -3.38 0.87
CA CYS A 7 2.81 -4.46 -0.08
C CYS A 7 4.12 -4.67 -0.85
N PRO A 8 4.80 -5.80 -0.61
CA PRO A 8 6.10 -6.08 -1.21
C PRO A 8 6.04 -6.54 -2.65
N ASP A 9 4.90 -7.09 -3.06
CA ASP A 9 4.74 -7.59 -4.41
C ASP A 9 4.01 -6.59 -5.27
N CYS A 10 3.77 -5.42 -4.71
CA CYS A 10 3.13 -4.33 -5.42
C CYS A 10 3.96 -3.06 -5.25
N HIS A 11 3.95 -2.20 -6.23
CA HIS A 11 4.70 -0.97 -6.16
C HIS A 11 3.77 0.22 -6.19
N CYS A 12 3.55 0.83 -5.04
CA CYS A 12 2.68 1.98 -4.96
C CYS A 12 3.48 3.20 -4.58
N LYS A 13 3.16 4.33 -5.19
CA LYS A 13 3.78 5.58 -4.84
C LYS A 13 3.15 6.13 -3.56
N VAL A 14 3.94 6.21 -2.53
CA VAL A 14 3.45 6.65 -1.24
C VAL A 14 3.83 8.10 -0.96
N ASP A 15 2.92 8.82 -0.33
CA ASP A 15 3.15 10.21 0.03
C ASP A 15 3.58 10.29 1.48
N PRO A 16 4.66 11.03 1.78
CA PRO A 16 5.18 11.16 3.15
C PRO A 16 4.21 11.82 4.13
N GLU A 17 3.27 12.60 3.62
CA GLU A 17 2.33 13.28 4.49
C GLU A 17 0.98 12.57 4.46
N ARG A 18 0.72 11.86 3.39
CA ARG A 18 -0.56 11.17 3.20
C ARG A 18 -0.35 9.66 3.19
N VAL A 19 0.47 9.19 4.10
CA VAL A 19 0.79 7.78 4.19
C VAL A 19 0.00 7.11 5.32
N PHE A 20 -0.49 5.91 5.05
CA PHE A 20 -1.19 5.13 6.05
C PHE A 20 -0.21 4.18 6.72
N ASN A 21 0.02 4.38 8.00
CA ASN A 21 0.90 3.52 8.75
C ASN A 21 0.12 2.40 9.38
N HIS A 22 0.50 1.19 9.08
CA HIS A 22 -0.17 0.04 9.61
C HIS A 22 0.84 -1.05 9.86
N ASP A 23 0.79 -1.65 11.05
CA ASP A 23 1.69 -2.73 11.43
C ASP A 23 3.15 -2.25 11.39
N GLY A 24 3.35 -0.99 11.72
CA GLY A 24 4.68 -0.40 11.72
C GLY A 24 5.26 -0.23 10.33
N GLU A 25 4.43 -0.33 9.32
CA GLU A 25 4.86 -0.17 7.95
C GLU A 25 4.07 0.93 7.27
N ALA A 26 4.62 1.48 6.23
CA ALA A 26 4.00 2.57 5.51
C ALA A 26 3.32 2.05 4.26
N TYR A 27 2.14 2.57 3.97
CA TYR A 27 1.39 2.13 2.81
C TYR A 27 0.86 3.32 2.03
N CYS A 28 0.55 3.10 0.77
CA CYS A 28 0.02 4.15 -0.09
C CYS A 28 -1.40 4.52 0.34
N SER A 29 -2.16 3.49 0.66
CA SER A 29 -3.53 3.65 1.05
C SER A 29 -3.88 2.63 2.12
N GLN A 30 -5.11 2.67 2.57
CA GLN A 30 -5.57 1.74 3.57
C GLN A 30 -5.81 0.35 2.98
N ALA A 31 -5.84 0.28 1.65
CA ALA A 31 -6.05 -0.99 0.95
C ALA A 31 -4.91 -1.95 1.25
N CYS A 32 -3.70 -1.55 0.88
CA CYS A 32 -2.53 -2.37 1.13
C CYS A 32 -2.24 -2.41 2.62
N ALA A 33 -2.59 -1.32 3.32
CA ALA A 33 -2.35 -1.20 4.75
C ALA A 33 -3.05 -2.29 5.54
N GLU A 34 -4.34 -2.40 5.32
CA GLU A 34 -5.15 -3.40 6.00
C GLU A 34 -4.89 -4.79 5.42
N GLN A 35 -3.97 -4.86 4.46
CA GLN A 35 -3.61 -6.10 3.80
C GLN A 35 -4.80 -6.65 3.02
N HIS A 36 -5.63 -5.72 2.55
CA HIS A 36 -6.81 -6.00 1.72
C HIS A 36 -7.73 -7.04 2.35
N PRO A 37 -8.46 -6.66 3.42
CA PRO A 37 -9.38 -7.56 4.10
C PRO A 37 -10.73 -7.61 3.40
N ASN A 38 -10.93 -6.72 2.44
CA ASN A 38 -12.17 -6.65 1.69
C ASN A 38 -11.91 -6.99 0.24
N GLY A 39 -10.68 -6.76 -0.20
CA GLY A 39 -10.32 -7.00 -1.57
C GLY A 39 -10.28 -5.71 -2.35
N GLU A 40 -10.14 -4.64 -1.61
CA GLU A 40 -10.09 -3.30 -2.17
C GLU A 40 -8.77 -3.08 -2.91
N PRO A 41 -8.81 -2.37 -4.04
CA PRO A 41 -7.61 -2.07 -4.83
C PRO A 41 -6.88 -0.82 -4.33
N CYS A 42 -5.58 -0.78 -4.54
CA CYS A 42 -4.78 0.38 -4.14
C CYS A 42 -4.65 1.33 -5.33
N PRO A 43 -4.40 2.63 -5.07
CA PRO A 43 -4.31 3.66 -6.13
C PRO A 43 -3.03 3.58 -6.98
N ALA A 44 -2.35 2.44 -6.97
CA ALA A 44 -1.14 2.30 -7.76
C ALA A 44 -1.48 1.94 -9.21
N PRO A 45 -0.95 2.72 -10.17
CA PRO A 45 -1.19 2.50 -11.61
C PRO A 45 -0.67 1.15 -12.11
N ASP A 46 0.40 0.67 -11.50
CA ASP A 46 1.00 -0.60 -11.89
C ASP A 46 0.81 -1.64 -10.78
N CYS A 47 -0.25 -1.46 -10.02
CA CYS A 47 -0.60 -2.35 -8.90
C CYS A 47 -0.67 -3.82 -9.30
N HIS A 48 -0.30 -4.68 -8.36
CA HIS A 48 -0.41 -6.10 -8.54
C HIS A 48 -0.31 -6.82 -7.21
N CYS A 49 -1.27 -6.59 -6.35
CA CYS A 49 -1.31 -7.25 -5.06
C CYS A 49 -1.86 -8.67 -5.24
N GLU A 50 -0.99 -9.65 -5.24
CA GLU A 50 -1.39 -11.03 -5.43
C GLU A 50 -1.94 -11.59 -4.13
N ARG A 51 -1.14 -11.55 -3.10
CA ARG A 51 -1.51 -12.05 -1.84
C ARG A 51 -2.09 -10.96 -1.01
N SER A 52 -2.91 -11.32 -0.08
CA SER A 52 -3.61 -10.38 0.77
C SER A 52 -4.24 -9.25 -0.03
N ASN A 1 14.06 9.80 1.65
CA ASN A 1 13.37 10.10 0.36
C ASN A 1 12.75 8.83 -0.23
N GLU A 2 13.39 7.70 0.00
CA GLU A 2 12.89 6.44 -0.52
C GLU A 2 11.72 5.95 0.31
N LEU A 3 10.53 6.31 -0.10
CA LEU A 3 9.33 5.90 0.59
C LEU A 3 8.41 5.13 -0.36
N ARG A 4 8.28 3.84 -0.14
CA ARG A 4 7.44 3.00 -0.96
C ARG A 4 6.40 2.32 -0.10
N CYS A 5 5.42 1.69 -0.73
CA CYS A 5 4.36 1.02 -0.03
C CYS A 5 4.90 -0.23 0.69
N GLY A 6 4.39 -0.49 1.88
CA GLY A 6 4.84 -1.63 2.67
C GLY A 6 4.52 -2.94 2.03
N CYS A 7 3.54 -2.93 1.16
CA CYS A 7 3.12 -4.11 0.46
C CYS A 7 4.30 -4.75 -0.29
N PRO A 8 4.72 -5.95 0.14
CA PRO A 8 5.86 -6.65 -0.48
C PRO A 8 5.54 -7.13 -1.88
N ASP A 9 4.25 -7.26 -2.17
CA ASP A 9 3.82 -7.71 -3.47
C ASP A 9 3.37 -6.56 -4.35
N CYS A 10 3.38 -5.36 -3.80
CA CYS A 10 2.93 -4.21 -4.55
C CYS A 10 3.64 -2.95 -4.09
N HIS A 11 4.30 -2.28 -5.00
CA HIS A 11 4.98 -1.06 -4.66
C HIS A 11 4.27 0.12 -5.29
N CYS A 12 3.46 0.76 -4.49
CA CYS A 12 2.65 1.88 -4.91
C CYS A 12 3.33 3.19 -4.60
N LYS A 13 2.78 4.27 -5.13
CA LYS A 13 3.26 5.60 -4.83
C LYS A 13 2.87 5.98 -3.43
N VAL A 14 3.83 6.41 -2.66
CA VAL A 14 3.54 6.82 -1.32
C VAL A 14 3.95 8.25 -1.10
N ASP A 15 2.96 9.06 -0.85
CA ASP A 15 3.16 10.47 -0.62
C ASP A 15 3.16 10.74 0.86
N PRO A 16 4.12 11.53 1.36
CA PRO A 16 4.22 11.86 2.79
C PRO A 16 2.92 12.48 3.33
N GLU A 17 2.12 13.04 2.44
CA GLU A 17 0.87 13.68 2.83
C GLU A 17 -0.30 12.69 2.77
N ARG A 18 -0.09 11.51 2.18
CA ARG A 18 -1.17 10.54 2.03
C ARG A 18 -0.73 9.15 2.47
N VAL A 19 0.28 9.09 3.25
CA VAL A 19 0.82 7.82 3.72
C VAL A 19 0.15 7.36 5.01
N PHE A 20 -0.31 6.12 5.01
CA PHE A 20 -0.89 5.51 6.19
C PHE A 20 0.11 4.61 6.85
N ASN A 21 0.23 4.70 8.16
CA ASN A 21 1.15 3.85 8.90
C ASN A 21 0.39 2.73 9.58
N HIS A 22 0.90 1.53 9.44
CA HIS A 22 0.30 0.36 10.05
C HIS A 22 1.37 -0.69 10.27
N ASP A 23 1.37 -1.32 11.44
CA ASP A 23 2.36 -2.36 11.79
C ASP A 23 3.77 -1.75 11.81
N GLY A 24 3.83 -0.44 11.98
CA GLY A 24 5.10 0.26 11.98
C GLY A 24 5.69 0.34 10.58
N GLU A 25 4.81 0.32 9.60
CA GLU A 25 5.21 0.38 8.21
C GLU A 25 4.38 1.42 7.47
N ALA A 26 4.92 1.93 6.39
CA ALA A 26 4.25 2.97 5.61
C ALA A 26 3.53 2.36 4.41
N TYR A 27 2.35 2.86 4.10
CA TYR A 27 1.56 2.35 2.99
C TYR A 27 0.96 3.49 2.19
N CYS A 28 0.59 3.20 0.95
CA CYS A 28 -0.01 4.19 0.07
C CYS A 28 -1.41 4.54 0.53
N SER A 29 -2.16 3.53 0.92
CA SER A 29 -3.51 3.69 1.37
C SER A 29 -3.87 2.58 2.35
N GLN A 30 -5.12 2.58 2.80
CA GLN A 30 -5.57 1.63 3.80
C GLN A 30 -5.66 0.19 3.27
N ALA A 31 -5.70 0.03 1.95
CA ALA A 31 -5.81 -1.30 1.35
C ALA A 31 -4.58 -2.15 1.67
N CYS A 32 -3.42 -1.67 1.26
CA CYS A 32 -2.18 -2.37 1.53
C CYS A 32 -1.83 -2.30 3.01
N ALA A 33 -2.25 -1.22 3.65
CA ALA A 33 -1.97 -1.00 5.07
C ALA A 33 -2.57 -2.10 5.92
N GLU A 34 -3.84 -2.37 5.71
CA GLU A 34 -4.55 -3.38 6.48
C GLU A 34 -4.25 -4.78 5.95
N GLN A 35 -3.32 -4.86 5.00
CA GLN A 35 -2.90 -6.13 4.40
C GLN A 35 -4.04 -6.77 3.63
N HIS A 36 -4.98 -5.93 3.18
CA HIS A 36 -6.14 -6.33 2.37
C HIS A 36 -7.01 -7.35 3.10
N PRO A 37 -7.88 -6.88 4.01
CA PRO A 37 -8.77 -7.74 4.78
C PRO A 37 -9.95 -8.23 3.95
N ASN A 38 -10.24 -7.52 2.88
CA ASN A 38 -11.36 -7.86 2.01
C ASN A 38 -10.85 -8.39 0.68
N GLY A 39 -9.67 -7.98 0.30
CA GLY A 39 -9.12 -8.37 -0.98
C GLY A 39 -9.26 -7.25 -1.97
N GLU A 40 -9.38 -6.06 -1.43
CA GLU A 40 -9.57 -4.85 -2.21
C GLU A 40 -8.28 -4.43 -2.87
N PRO A 41 -8.35 -3.94 -4.11
CA PRO A 41 -7.17 -3.43 -4.81
C PRO A 41 -6.81 -2.03 -4.33
N CYS A 42 -5.55 -1.70 -4.40
CA CYS A 42 -5.10 -0.39 -3.97
C CYS A 42 -5.08 0.57 -5.17
N PRO A 43 -5.04 1.91 -4.92
CA PRO A 43 -5.03 2.92 -5.99
C PRO A 43 -3.66 3.03 -6.68
N ALA A 44 -3.07 1.88 -6.98
CA ALA A 44 -1.79 1.86 -7.65
C ALA A 44 -1.94 1.42 -9.10
N PRO A 45 -1.28 2.13 -10.02
CA PRO A 45 -1.33 1.81 -11.46
C PRO A 45 -0.56 0.51 -11.76
N ASP A 46 0.52 0.31 -11.03
CA ASP A 46 1.37 -0.87 -11.20
C ASP A 46 1.03 -1.92 -10.15
N CYS A 47 -0.21 -1.86 -9.69
CA CYS A 47 -0.71 -2.75 -8.65
C CYS A 47 -0.55 -4.23 -9.02
N HIS A 48 -0.23 -5.03 -8.03
CA HIS A 48 -0.08 -6.47 -8.21
C HIS A 48 -0.95 -7.23 -7.22
N CYS A 49 -1.15 -6.64 -6.05
CA CYS A 49 -1.94 -7.26 -4.99
C CYS A 49 -3.44 -7.19 -5.31
N GLU A 50 -3.76 -6.61 -6.47
CA GLU A 50 -5.13 -6.56 -6.98
C GLU A 50 -5.73 -7.94 -6.92
N ARG A 51 -4.93 -8.93 -7.28
CA ARG A 51 -5.32 -10.30 -7.19
C ARG A 51 -4.92 -10.83 -5.82
N SER A 52 -5.89 -11.27 -5.06
CA SER A 52 -5.66 -11.76 -3.72
C SER A 52 -6.84 -12.59 -3.23
N ASN A 1 15.85 9.07 0.88
CA ASN A 1 14.67 8.40 1.47
C ASN A 1 13.66 8.01 0.41
N GLU A 2 13.52 6.71 0.17
CA GLU A 2 12.55 6.22 -0.78
C GLU A 2 11.34 5.68 -0.04
N LEU A 3 10.24 6.38 -0.15
CA LEU A 3 9.02 5.96 0.52
C LEU A 3 8.18 5.11 -0.41
N ARG A 4 8.07 3.85 -0.10
CA ARG A 4 7.29 2.92 -0.88
C ARG A 4 6.24 2.26 -0.02
N CYS A 5 5.33 1.55 -0.65
CA CYS A 5 4.26 0.90 0.05
C CYS A 5 4.76 -0.36 0.77
N GLY A 6 4.00 -0.80 1.77
CA GLY A 6 4.35 -1.98 2.50
C GLY A 6 4.21 -3.22 1.66
N CYS A 7 3.26 -3.18 0.74
CA CYS A 7 3.09 -4.26 -0.23
C CYS A 7 4.37 -4.36 -1.08
N PRO A 8 5.15 -5.44 -0.88
CA PRO A 8 6.46 -5.60 -1.54
C PRO A 8 6.38 -5.92 -3.03
N ASP A 9 5.28 -6.49 -3.46
CA ASP A 9 5.14 -6.89 -4.85
C ASP A 9 4.47 -5.78 -5.64
N CYS A 10 3.89 -4.86 -4.92
CA CYS A 10 3.17 -3.77 -5.53
C CYS A 10 3.98 -2.49 -5.40
N HIS A 11 3.84 -1.60 -6.37
CA HIS A 11 4.53 -0.33 -6.34
C HIS A 11 3.53 0.80 -6.35
N CYS A 12 3.22 1.30 -5.18
CA CYS A 12 2.24 2.36 -5.04
C CYS A 12 2.92 3.69 -4.79
N LYS A 13 2.27 4.75 -5.22
CA LYS A 13 2.78 6.09 -4.97
C LYS A 13 2.44 6.49 -3.53
N VAL A 14 3.40 6.38 -2.66
CA VAL A 14 3.19 6.71 -1.29
C VAL A 14 3.62 8.13 -1.02
N ASP A 15 2.70 8.92 -0.55
CA ASP A 15 2.96 10.31 -0.28
C ASP A 15 3.43 10.50 1.14
N PRO A 16 4.48 11.30 1.35
CA PRO A 16 5.01 11.56 2.69
C PRO A 16 3.96 12.15 3.64
N GLU A 17 2.96 12.83 3.09
CA GLU A 17 1.95 13.45 3.92
C GLU A 17 0.64 12.63 3.91
N ARG A 18 0.50 11.77 2.93
CA ARG A 18 -0.74 10.98 2.81
C ARG A 18 -0.43 9.50 2.88
N VAL A 19 0.57 9.17 3.65
CA VAL A 19 0.98 7.79 3.82
C VAL A 19 0.16 7.11 4.91
N PHE A 20 -0.44 5.98 4.58
CA PHE A 20 -1.17 5.20 5.52
C PHE A 20 -0.20 4.38 6.36
N ASN A 21 -0.13 4.68 7.63
CA ASN A 21 0.78 3.96 8.50
C ASN A 21 0.06 2.85 9.22
N HIS A 22 0.56 1.65 9.09
CA HIS A 22 -0.02 0.50 9.75
C HIS A 22 1.09 -0.42 10.24
N ASP A 23 1.05 -0.73 11.53
CA ASP A 23 2.03 -1.62 12.18
C ASP A 23 3.43 -0.99 12.13
N GLY A 24 3.47 0.32 11.92
CA GLY A 24 4.74 1.02 11.85
C GLY A 24 5.29 1.03 10.44
N GLU A 25 4.58 0.39 9.52
CA GLU A 25 4.99 0.34 8.13
C GLU A 25 4.21 1.35 7.32
N ALA A 26 4.81 1.81 6.25
CA ALA A 26 4.19 2.81 5.40
C ALA A 26 3.45 2.18 4.23
N TYR A 27 2.28 2.71 3.93
CA TYR A 27 1.47 2.22 2.83
C TYR A 27 0.87 3.39 2.07
N CYS A 28 0.39 3.12 0.87
CA CYS A 28 -0.25 4.15 0.07
C CYS A 28 -1.66 4.43 0.58
N SER A 29 -2.37 3.35 0.89
CA SER A 29 -3.74 3.44 1.31
C SER A 29 -4.04 2.30 2.28
N GLN A 30 -5.27 2.25 2.77
CA GLN A 30 -5.66 1.23 3.74
C GLN A 30 -5.70 -0.16 3.11
N ALA A 31 -5.87 -0.22 1.79
CA ALA A 31 -5.93 -1.50 1.08
C ALA A 31 -4.71 -2.37 1.38
N CYS A 32 -3.53 -1.86 1.04
CA CYS A 32 -2.29 -2.59 1.29
C CYS A 32 -1.99 -2.65 2.79
N ALA A 33 -2.41 -1.62 3.50
CA ALA A 33 -2.17 -1.51 4.95
C ALA A 33 -2.85 -2.61 5.72
N GLU A 34 -4.11 -2.86 5.38
CA GLU A 34 -4.92 -3.88 6.04
C GLU A 34 -4.66 -5.27 5.46
N GLN A 35 -3.68 -5.35 4.56
CA GLN A 35 -3.30 -6.61 3.90
C GLN A 35 -4.43 -7.11 3.00
N HIS A 36 -5.29 -6.17 2.59
CA HIS A 36 -6.43 -6.44 1.70
C HIS A 36 -7.35 -7.50 2.30
N PRO A 37 -8.17 -7.10 3.28
CA PRO A 37 -9.09 -8.02 3.95
C PRO A 37 -10.23 -8.47 3.05
N ASN A 38 -10.65 -7.60 2.15
CA ASN A 38 -11.77 -7.91 1.26
C ASN A 38 -11.27 -8.37 -0.10
N GLY A 39 -10.07 -7.96 -0.44
CA GLY A 39 -9.50 -8.30 -1.73
C GLY A 39 -9.57 -7.13 -2.68
N GLU A 40 -9.49 -5.96 -2.11
CA GLU A 40 -9.57 -4.71 -2.84
C GLU A 40 -8.21 -4.29 -3.37
N PRO A 41 -8.03 -4.24 -4.70
CA PRO A 41 -6.78 -3.77 -5.31
C PRO A 41 -6.62 -2.27 -5.09
N CYS A 42 -5.43 -1.85 -4.68
CA CYS A 42 -5.17 -0.45 -4.38
C CYS A 42 -5.15 0.41 -5.65
N PRO A 43 -5.39 1.73 -5.52
CA PRO A 43 -5.37 2.66 -6.67
C PRO A 43 -3.95 2.99 -7.16
N ALA A 44 -3.07 2.00 -7.12
CA ALA A 44 -1.69 2.19 -7.57
C ALA A 44 -1.56 1.98 -9.07
N PRO A 45 -0.74 2.79 -9.75
CA PRO A 45 -0.53 2.68 -11.21
C PRO A 45 0.26 1.43 -11.59
N ASP A 46 1.00 0.90 -10.62
CA ASP A 46 1.79 -0.29 -10.83
C ASP A 46 1.33 -1.37 -9.87
N CYS A 47 0.04 -1.32 -9.58
CA CYS A 47 -0.58 -2.26 -8.67
C CYS A 47 -0.39 -3.71 -9.14
N HIS A 48 0.00 -4.57 -8.22
CA HIS A 48 0.21 -5.99 -8.52
C HIS A 48 -0.45 -6.87 -7.47
N CYS A 49 -1.24 -6.26 -6.61
CA CYS A 49 -1.86 -6.99 -5.52
C CYS A 49 -3.38 -6.97 -5.61
N GLU A 50 -4.01 -7.81 -4.80
CA GLU A 50 -5.46 -7.90 -4.72
C GLU A 50 -5.87 -8.77 -3.54
N ARG A 51 -5.41 -10.01 -3.52
CA ARG A 51 -5.72 -10.95 -2.46
C ARG A 51 -4.68 -10.92 -1.36
N SER A 52 -5.04 -11.45 -0.20
CA SER A 52 -4.14 -11.52 0.94
C SER A 52 -3.05 -12.57 0.71
N ASN A 1 10.41 6.79 -5.27
CA ASN A 1 9.69 7.26 -4.06
C ASN A 1 10.57 7.18 -2.83
N GLU A 2 10.61 8.25 -2.03
CA GLU A 2 11.38 8.27 -0.81
C GLU A 2 10.73 7.36 0.21
N LEU A 3 9.42 7.30 0.17
CA LEU A 3 8.66 6.45 1.03
C LEU A 3 7.95 5.39 0.19
N ARG A 4 8.27 4.13 0.44
CA ARG A 4 7.72 3.04 -0.35
C ARG A 4 6.55 2.38 0.38
N CYS A 5 5.77 1.61 -0.37
CA CYS A 5 4.65 0.92 0.21
C CYS A 5 5.12 -0.36 0.88
N GLY A 6 4.49 -0.70 2.00
CA GLY A 6 4.90 -1.87 2.76
C GLY A 6 4.57 -3.17 2.10
N CYS A 7 3.68 -3.12 1.13
CA CYS A 7 3.26 -4.30 0.41
C CYS A 7 4.46 -4.95 -0.30
N PRO A 8 4.90 -6.13 0.15
CA PRO A 8 6.04 -6.85 -0.45
C PRO A 8 5.72 -7.39 -1.85
N ASP A 9 4.46 -7.34 -2.22
CA ASP A 9 4.01 -7.84 -3.52
C ASP A 9 3.68 -6.70 -4.46
N CYS A 10 3.84 -5.47 -4.02
CA CYS A 10 3.45 -4.34 -4.83
C CYS A 10 4.31 -3.11 -4.55
N HIS A 11 4.50 -2.28 -5.55
CA HIS A 11 5.25 -1.04 -5.38
C HIS A 11 4.36 0.15 -5.72
N CYS A 12 4.06 0.94 -4.73
CA CYS A 12 3.16 2.05 -4.90
C CYS A 12 3.83 3.37 -4.59
N LYS A 13 3.24 4.44 -5.07
CA LYS A 13 3.71 5.76 -4.75
C LYS A 13 3.09 6.20 -3.43
N VAL A 14 3.92 6.36 -2.43
CA VAL A 14 3.43 6.74 -1.13
C VAL A 14 3.59 8.23 -0.90
N ASP A 15 2.49 8.85 -0.55
CA ASP A 15 2.46 10.25 -0.25
C ASP A 15 2.71 10.47 1.22
N PRO A 16 3.72 11.27 1.57
CA PRO A 16 4.09 11.53 2.98
C PRO A 16 2.93 12.08 3.82
N GLU A 17 1.92 12.64 3.17
CA GLU A 17 0.78 13.21 3.87
C GLU A 17 -0.43 12.28 3.81
N ARG A 18 -0.43 11.37 2.87
CA ARG A 18 -1.57 10.47 2.68
C ARG A 18 -1.16 9.02 2.86
N VAL A 19 -0.18 8.82 3.71
CA VAL A 19 0.34 7.51 4.00
C VAL A 19 -0.31 6.90 5.24
N PHE A 20 -0.77 5.68 5.10
CA PHE A 20 -1.36 4.96 6.21
C PHE A 20 -0.31 4.10 6.88
N ASN A 21 -0.28 4.15 8.20
CA ASN A 21 0.68 3.37 8.95
C ASN A 21 0.01 2.18 9.60
N HIS A 22 0.59 1.03 9.41
CA HIS A 22 0.09 -0.20 9.98
C HIS A 22 1.25 -1.14 10.24
N ASP A 23 1.29 -1.74 11.43
CA ASP A 23 2.38 -2.66 11.80
C ASP A 23 3.71 -1.91 11.87
N GLY A 24 3.62 -0.60 12.03
CA GLY A 24 4.81 0.24 12.06
C GLY A 24 5.41 0.42 10.68
N GLU A 25 4.66 0.00 9.68
CA GLU A 25 5.09 0.08 8.31
C GLU A 25 4.23 1.11 7.56
N ALA A 26 4.79 1.68 6.51
CA ALA A 26 4.11 2.71 5.74
C ALA A 26 3.52 2.12 4.48
N TYR A 27 2.33 2.60 4.10
CA TYR A 27 1.65 2.10 2.92
C TYR A 27 1.06 3.26 2.11
N CYS A 28 0.81 3.02 0.82
CA CYS A 28 0.23 4.04 -0.05
C CYS A 28 -1.18 4.38 0.39
N SER A 29 -1.93 3.35 0.75
CA SER A 29 -3.29 3.51 1.18
C SER A 29 -3.65 2.40 2.15
N GLN A 30 -4.88 2.42 2.64
CA GLN A 30 -5.34 1.43 3.61
C GLN A 30 -5.44 0.04 3.01
N ALA A 31 -5.42 -0.04 1.68
CA ALA A 31 -5.53 -1.32 1.00
C ALA A 31 -4.34 -2.20 1.31
N CYS A 32 -3.17 -1.74 0.95
CA CYS A 32 -1.94 -2.50 1.21
C CYS A 32 -1.65 -2.53 2.70
N ALA A 33 -2.15 -1.53 3.41
CA ALA A 33 -1.91 -1.36 4.84
C ALA A 33 -2.48 -2.51 5.65
N GLU A 34 -3.75 -2.77 5.46
CA GLU A 34 -4.43 -3.81 6.21
C GLU A 34 -4.39 -5.13 5.46
N GLN A 35 -3.46 -5.23 4.51
CA GLN A 35 -3.23 -6.45 3.75
C GLN A 35 -4.44 -6.81 2.90
N HIS A 36 -5.18 -5.77 2.51
CA HIS A 36 -6.35 -5.88 1.65
C HIS A 36 -7.43 -6.77 2.27
N PRO A 37 -8.14 -6.24 3.27
CA PRO A 37 -9.18 -6.99 3.99
C PRO A 37 -10.46 -7.14 3.16
N ASN A 38 -10.62 -6.32 2.15
CA ASN A 38 -11.78 -6.39 1.30
C ASN A 38 -11.39 -6.87 -0.09
N GLY A 39 -10.09 -7.01 -0.30
CA GLY A 39 -9.58 -7.43 -1.58
C GLY A 39 -9.52 -6.29 -2.54
N GLU A 40 -9.44 -5.09 -1.98
CA GLU A 40 -9.42 -3.88 -2.74
C GLU A 40 -8.02 -3.59 -3.26
N PRO A 41 -7.88 -3.31 -4.56
CA PRO A 41 -6.59 -2.96 -5.14
C PRO A 41 -6.19 -1.55 -4.74
N CYS A 42 -4.90 -1.32 -4.62
CA CYS A 42 -4.38 -0.02 -4.21
C CYS A 42 -4.33 0.93 -5.42
N PRO A 43 -4.19 2.25 -5.18
CA PRO A 43 -4.14 3.25 -6.27
C PRO A 43 -2.79 3.30 -6.99
N ALA A 44 -2.06 2.21 -6.95
CA ALA A 44 -0.77 2.14 -7.62
C ALA A 44 -0.96 1.87 -9.11
N PRO A 45 -0.28 2.63 -9.98
CA PRO A 45 -0.38 2.44 -11.43
C PRO A 45 0.11 1.07 -11.88
N ASP A 46 1.27 0.67 -11.37
CA ASP A 46 1.85 -0.61 -11.72
C ASP A 46 1.57 -1.63 -10.62
N CYS A 47 0.40 -1.48 -9.99
CA CYS A 47 -0.04 -2.37 -8.92
C CYS A 47 0.10 -3.85 -9.30
N HIS A 48 0.32 -4.67 -8.30
CA HIS A 48 0.49 -6.09 -8.50
C HIS A 48 -0.23 -6.88 -7.40
N CYS A 49 -1.23 -6.28 -6.77
CA CYS A 49 -1.91 -6.95 -5.69
C CYS A 49 -3.42 -6.68 -5.64
N GLU A 50 -4.17 -7.76 -5.64
CA GLU A 50 -5.60 -7.73 -5.41
C GLU A 50 -5.93 -8.87 -4.46
N ARG A 51 -4.89 -9.63 -4.14
CA ARG A 51 -4.93 -10.77 -3.31
C ARG A 51 -4.62 -10.39 -1.90
N SER A 52 -4.89 -11.29 -0.99
CA SER A 52 -4.66 -11.12 0.42
C SER A 52 -5.79 -10.35 1.07
N ASN A 1 15.32 8.82 1.56
CA ASN A 1 14.70 7.50 1.23
C ASN A 1 13.36 7.67 0.54
N GLU A 2 13.21 7.04 -0.61
CA GLU A 2 11.97 7.11 -1.37
C GLU A 2 10.86 6.41 -0.61
N LEU A 3 9.83 7.14 -0.28
CA LEU A 3 8.72 6.61 0.47
C LEU A 3 7.87 5.72 -0.42
N ARG A 4 7.93 4.44 -0.17
CA ARG A 4 7.19 3.46 -0.95
C ARG A 4 6.22 2.70 -0.06
N CYS A 5 5.35 1.94 -0.69
CA CYS A 5 4.33 1.21 0.03
C CYS A 5 4.91 0.03 0.80
N GLY A 6 4.23 -0.36 1.86
CA GLY A 6 4.67 -1.46 2.69
C GLY A 6 4.47 -2.79 2.04
N CYS A 7 3.50 -2.87 1.15
CA CYS A 7 3.21 -4.09 0.42
C CYS A 7 4.47 -4.58 -0.32
N PRO A 8 5.05 -5.70 0.11
CA PRO A 8 6.27 -6.24 -0.49
C PRO A 8 6.10 -6.65 -1.96
N ASP A 9 4.89 -7.02 -2.34
CA ASP A 9 4.64 -7.46 -3.71
C ASP A 9 4.03 -6.34 -4.55
N CYS A 10 3.89 -5.17 -3.96
CA CYS A 10 3.29 -4.06 -4.66
C CYS A 10 4.00 -2.74 -4.35
N HIS A 11 4.47 -2.07 -5.38
CA HIS A 11 5.16 -0.80 -5.22
C HIS A 11 4.22 0.34 -5.61
N CYS A 12 3.58 0.91 -4.61
CA CYS A 12 2.61 1.97 -4.84
C CYS A 12 3.23 3.34 -4.59
N LYS A 13 2.47 4.37 -4.94
CA LYS A 13 2.89 5.75 -4.73
C LYS A 13 2.46 6.22 -3.36
N VAL A 14 3.44 6.50 -2.52
CA VAL A 14 3.16 6.96 -1.19
C VAL A 14 3.64 8.39 -1.01
N ASP A 15 2.81 9.21 -0.40
CA ASP A 15 3.11 10.61 -0.17
C ASP A 15 3.16 10.89 1.32
N PRO A 16 4.12 11.72 1.77
CA PRO A 16 4.27 12.07 3.21
C PRO A 16 2.97 12.55 3.87
N GLU A 17 2.10 13.16 3.09
CA GLU A 17 0.83 13.64 3.61
C GLU A 17 -0.26 12.60 3.42
N ARG A 18 -0.11 11.81 2.37
CA ARG A 18 -1.12 10.82 2.02
C ARG A 18 -0.58 9.43 2.20
N VAL A 19 -0.17 9.16 3.40
CA VAL A 19 0.39 7.87 3.75
C VAL A 19 -0.34 7.25 4.93
N PHE A 20 -0.61 5.96 4.83
CA PHE A 20 -1.24 5.22 5.90
C PHE A 20 -0.19 4.39 6.63
N ASN A 21 0.08 4.74 7.87
CA ASN A 21 1.07 4.01 8.64
C ASN A 21 0.43 2.83 9.34
N HIS A 22 1.11 1.71 9.32
CA HIS A 22 0.64 0.51 10.00
C HIS A 22 1.77 -0.47 10.20
N ASP A 23 1.84 -1.07 11.38
CA ASP A 23 2.86 -2.07 11.74
C ASP A 23 4.27 -1.45 11.68
N GLY A 24 4.32 -0.13 11.74
CA GLY A 24 5.59 0.57 11.72
C GLY A 24 6.07 0.89 10.33
N GLU A 25 5.26 0.60 9.33
CA GLU A 25 5.64 0.88 7.97
C GLU A 25 4.62 1.80 7.30
N ALA A 26 5.00 2.38 6.18
CA ALA A 26 4.16 3.31 5.45
C ALA A 26 3.47 2.63 4.28
N TYR A 27 2.24 3.02 4.01
CA TYR A 27 1.46 2.45 2.92
C TYR A 27 0.79 3.56 2.13
N CYS A 28 0.43 3.27 0.89
CA CYS A 28 -0.23 4.25 0.04
C CYS A 28 -1.68 4.42 0.46
N SER A 29 -2.33 3.32 0.73
CA SER A 29 -3.72 3.30 1.09
C SER A 29 -3.94 2.30 2.21
N GLN A 30 -5.12 2.35 2.80
CA GLN A 30 -5.48 1.44 3.85
C GLN A 30 -5.54 0.00 3.33
N ALA A 31 -5.71 -0.15 2.01
CA ALA A 31 -5.79 -1.46 1.39
C ALA A 31 -4.54 -2.28 1.70
N CYS A 32 -3.39 -1.78 1.31
CA CYS A 32 -2.13 -2.46 1.55
C CYS A 32 -1.79 -2.44 3.04
N ALA A 33 -2.21 -1.37 3.72
CA ALA A 33 -1.94 -1.18 5.15
C ALA A 33 -2.60 -2.26 5.99
N GLU A 34 -3.85 -2.52 5.71
CA GLU A 34 -4.64 -3.51 6.43
C GLU A 34 -4.34 -4.92 5.91
N GLN A 35 -3.38 -5.01 4.99
CA GLN A 35 -2.98 -6.26 4.37
C GLN A 35 -4.12 -6.87 3.57
N HIS A 36 -5.04 -6.00 3.15
CA HIS A 36 -6.21 -6.39 2.32
C HIS A 36 -7.07 -7.44 3.01
N PRO A 37 -7.93 -7.01 3.94
CA PRO A 37 -8.81 -7.93 4.67
C PRO A 37 -10.02 -8.35 3.84
N ASN A 38 -10.39 -7.53 2.87
CA ASN A 38 -11.52 -7.83 2.00
C ASN A 38 -11.04 -8.32 0.65
N GLY A 39 -9.86 -7.88 0.28
CA GLY A 39 -9.31 -8.22 -1.02
C GLY A 39 -9.45 -7.06 -1.97
N GLU A 40 -9.48 -5.87 -1.39
CA GLU A 40 -9.63 -4.64 -2.13
C GLU A 40 -8.31 -4.23 -2.78
N PRO A 41 -8.36 -3.72 -4.01
CA PRO A 41 -7.17 -3.28 -4.71
C PRO A 41 -6.74 -1.87 -4.29
N CYS A 42 -5.46 -1.60 -4.38
CA CYS A 42 -4.93 -0.29 -4.03
C CYS A 42 -4.85 0.61 -5.28
N PRO A 43 -4.87 1.94 -5.11
CA PRO A 43 -4.80 2.90 -6.23
C PRO A 43 -3.40 3.01 -6.84
N ALA A 44 -2.73 1.88 -7.02
CA ALA A 44 -1.40 1.87 -7.61
C ALA A 44 -1.44 1.35 -9.04
N PRO A 45 -0.71 2.01 -9.95
CA PRO A 45 -0.63 1.59 -11.35
C PRO A 45 0.18 0.30 -11.52
N ASP A 46 1.09 0.07 -10.59
CA ASP A 46 1.95 -1.11 -10.61
C ASP A 46 1.46 -2.12 -9.59
N CYS A 47 0.18 -2.04 -9.27
CA CYS A 47 -0.44 -2.94 -8.30
C CYS A 47 -0.35 -4.39 -8.73
N HIS A 48 -0.16 -5.26 -7.77
CA HIS A 48 -0.12 -6.69 -8.02
C HIS A 48 -0.94 -7.44 -6.97
N CYS A 49 -1.29 -6.75 -5.90
CA CYS A 49 -2.04 -7.35 -4.79
C CYS A 49 -3.54 -7.24 -5.02
N GLU A 50 -3.92 -7.06 -6.27
CA GLU A 50 -5.32 -6.97 -6.63
C GLU A 50 -5.86 -8.36 -6.96
N ARG A 51 -5.04 -9.36 -6.73
CA ARG A 51 -5.36 -10.71 -7.02
C ARG A 51 -5.96 -11.33 -5.79
N SER A 52 -7.13 -11.89 -5.96
CA SER A 52 -7.87 -12.51 -4.88
C SER A 52 -8.15 -11.51 -3.74
N ASN A 1 14.96 8.55 2.81
CA ASN A 1 14.66 7.50 1.80
C ASN A 1 13.40 7.84 1.02
N GLU A 2 13.19 7.16 -0.10
CA GLU A 2 11.99 7.34 -0.89
C GLU A 2 10.86 6.58 -0.23
N LEU A 3 9.71 7.19 -0.14
CA LEU A 3 8.58 6.57 0.50
C LEU A 3 7.79 5.73 -0.48
N ARG A 4 7.77 4.44 -0.23
CA ARG A 4 7.08 3.50 -1.08
C ARG A 4 6.14 2.64 -0.27
N CYS A 5 5.30 1.87 -0.94
CA CYS A 5 4.30 1.07 -0.26
C CYS A 5 4.91 -0.16 0.39
N GLY A 6 4.30 -0.59 1.48
CA GLY A 6 4.77 -1.73 2.22
C GLY A 6 4.32 -3.04 1.65
N CYS A 7 3.26 -3.00 0.85
CA CYS A 7 2.72 -4.21 0.21
C CYS A 7 3.85 -4.91 -0.56
N PRO A 8 4.31 -6.07 -0.08
CA PRO A 8 5.43 -6.78 -0.69
C PRO A 8 5.05 -7.42 -2.03
N ASP A 9 3.79 -7.34 -2.38
CA ASP A 9 3.33 -7.92 -3.62
C ASP A 9 2.95 -6.83 -4.63
N CYS A 10 3.08 -5.57 -4.23
CA CYS A 10 2.74 -4.45 -5.10
C CYS A 10 3.71 -3.28 -4.92
N HIS A 11 3.83 -2.46 -5.94
CA HIS A 11 4.69 -1.29 -5.89
C HIS A 11 3.86 -0.03 -6.12
N CYS A 12 3.63 0.73 -5.07
CA CYS A 12 2.81 1.93 -5.17
C CYS A 12 3.60 3.16 -4.79
N LYS A 13 3.16 4.29 -5.30
CA LYS A 13 3.74 5.56 -4.91
C LYS A 13 3.05 6.03 -3.64
N VAL A 14 3.81 6.50 -2.69
CA VAL A 14 3.24 6.91 -1.43
C VAL A 14 3.47 8.37 -1.14
N ASP A 15 2.39 9.04 -0.79
CA ASP A 15 2.42 10.44 -0.45
C ASP A 15 2.78 10.60 1.02
N PRO A 16 3.79 11.41 1.34
CA PRO A 16 4.26 11.61 2.72
C PRO A 16 3.20 12.16 3.67
N GLU A 17 2.20 12.83 3.14
CA GLU A 17 1.17 13.42 3.97
C GLU A 17 -0.12 12.58 3.93
N ARG A 18 -0.23 11.75 2.92
CA ARG A 18 -1.41 10.92 2.75
C ARG A 18 -1.06 9.44 2.80
N VAL A 19 -0.14 9.13 3.69
CA VAL A 19 0.33 7.76 3.87
C VAL A 19 -0.31 7.10 5.10
N PHE A 20 -0.69 5.85 4.94
CA PHE A 20 -1.26 5.08 6.04
C PHE A 20 -0.17 4.24 6.69
N ASN A 21 -0.01 4.39 8.00
CA ASN A 21 1.00 3.62 8.71
C ASN A 21 0.38 2.42 9.40
N HIS A 22 1.05 1.29 9.32
CA HIS A 22 0.61 0.07 9.96
C HIS A 22 1.81 -0.82 10.24
N ASP A 23 1.94 -1.27 11.48
CA ASP A 23 3.06 -2.14 11.91
C ASP A 23 4.40 -1.38 11.79
N GLY A 24 4.31 -0.06 11.73
CA GLY A 24 5.50 0.76 11.57
C GLY A 24 5.90 0.87 10.12
N GLU A 25 5.09 0.29 9.26
CA GLU A 25 5.34 0.28 7.84
C GLU A 25 4.43 1.32 7.17
N ALA A 26 4.86 1.82 6.04
CA ALA A 26 4.12 2.85 5.32
C ALA A 26 3.40 2.26 4.12
N TYR A 27 2.20 2.75 3.85
CA TYR A 27 1.41 2.26 2.75
C TYR A 27 0.76 3.40 2.00
N CYS A 28 0.45 3.16 0.74
CA CYS A 28 -0.19 4.16 -0.10
C CYS A 28 -1.62 4.39 0.34
N SER A 29 -2.27 3.30 0.72
CA SER A 29 -3.65 3.34 1.12
C SER A 29 -3.91 2.31 2.20
N GLN A 30 -5.12 2.32 2.72
CA GLN A 30 -5.55 1.38 3.73
C GLN A 30 -5.61 -0.04 3.18
N ALA A 31 -5.80 -0.14 1.86
CA ALA A 31 -5.91 -1.42 1.19
C ALA A 31 -4.67 -2.27 1.41
N CYS A 32 -3.52 -1.76 0.97
CA CYS A 32 -2.25 -2.47 1.13
C CYS A 32 -1.87 -2.58 2.61
N ALA A 33 -2.30 -1.61 3.38
CA ALA A 33 -1.95 -1.54 4.81
C ALA A 33 -2.55 -2.70 5.58
N GLU A 34 -3.82 -2.92 5.37
CA GLU A 34 -4.57 -3.97 6.07
C GLU A 34 -4.51 -5.30 5.33
N GLN A 35 -3.61 -5.40 4.34
CA GLN A 35 -3.41 -6.62 3.56
C GLN A 35 -4.65 -6.96 2.72
N HIS A 36 -5.45 -5.93 2.43
CA HIS A 36 -6.66 -6.04 1.59
C HIS A 36 -7.66 -7.06 2.15
N PRO A 37 -8.30 -6.74 3.28
CA PRO A 37 -9.31 -7.62 3.88
C PRO A 37 -10.68 -7.39 3.23
N ASN A 38 -10.81 -6.28 2.53
CA ASN A 38 -12.03 -5.90 1.86
C ASN A 38 -12.07 -6.43 0.43
N GLY A 39 -10.89 -6.69 -0.12
CA GLY A 39 -10.80 -7.12 -1.51
C GLY A 39 -10.52 -5.94 -2.39
N GLU A 40 -10.45 -4.78 -1.76
CA GLU A 40 -10.19 -3.53 -2.41
C GLU A 40 -8.72 -3.40 -2.83
N PRO A 41 -8.46 -3.21 -4.13
CA PRO A 41 -7.10 -2.96 -4.62
C PRO A 41 -6.65 -1.53 -4.28
N CYS A 42 -5.37 -1.28 -4.33
CA CYS A 42 -4.83 0.03 -4.00
C CYS A 42 -4.95 0.98 -5.20
N PRO A 43 -4.95 2.30 -4.96
CA PRO A 43 -5.05 3.31 -6.02
C PRO A 43 -3.73 3.49 -6.79
N ALA A 44 -2.96 2.43 -6.93
CA ALA A 44 -1.71 2.49 -7.64
C ALA A 44 -1.90 2.14 -9.11
N PRO A 45 -1.27 2.90 -10.02
CA PRO A 45 -1.37 2.67 -11.47
C PRO A 45 -0.64 1.39 -11.91
N ASP A 46 0.40 1.02 -11.17
CA ASP A 46 1.19 -0.16 -11.49
C ASP A 46 0.85 -1.29 -10.52
N CYS A 47 -0.35 -1.23 -9.95
CA CYS A 47 -0.80 -2.22 -8.98
C CYS A 47 -0.90 -3.61 -9.58
N HIS A 48 -0.74 -4.61 -8.73
CA HIS A 48 -0.90 -5.99 -9.08
C HIS A 48 -0.91 -6.84 -7.81
N CYS A 49 -1.62 -6.37 -6.80
CA CYS A 49 -1.76 -7.10 -5.54
C CYS A 49 -2.48 -8.43 -5.80
N GLU A 50 -1.71 -9.49 -5.88
CA GLU A 50 -2.24 -10.79 -6.18
C GLU A 50 -2.61 -11.50 -4.89
N ARG A 51 -1.67 -11.53 -3.97
CA ARG A 51 -1.87 -12.17 -2.71
C ARG A 51 -2.32 -11.13 -1.72
N SER A 52 -3.16 -11.54 -0.81
CA SER A 52 -3.69 -10.66 0.19
C SER A 52 -4.39 -9.45 -0.45
#